data_5SV7
#
_entry.id   5SV7
#
_cell.length_a   163.913
_cell.length_b   163.913
_cell.length_c   63.076
_cell.angle_alpha   90.00
_cell.angle_beta   90.00
_cell.angle_gamma   120.00
#
_symmetry.space_group_name_H-M   'P 32'
#
loop_
_entity.id
_entity.type
_entity.pdbx_description
1 polymer 'Eukaryotic translation initiation factor 2-alpha kinase 3'
2 water water
#
_entity_poly.entity_id   1
_entity_poly.type   'polypeptide(L)'
_entity_poly.pdbx_seq_one_letter_code
;ETELRPRGRSLVIISTLDGRIAALDPENHGKKQWDLDVGSGSLVSSSLSKPEVFGNKMIIPSLDGALFQWDQDRESMETV
PFTVESLLESSYKFGDDVVLVGGKSLTTYGLSAYSGKVRYICSALGCRQWDSDEMEQEEDILLLQRTQKTVRAVGPRSGN
EKWNFSVGHFELRYIPDMETRAGFIESTFKPNENTEESKIISDVEEQEAAIMDIVIKVSVADWKVMAFSKKGGHLEWEYQ
FCTPIASAWLLKDGKVIPISLFDDTSYTSNDDVLEDEEDIVEAARGATENSVYLGMYRGQLYLQSSVRISEKFPSSPKAL
ESVTNE
;
_entity_poly.pdbx_strand_id   A,B,C,D
#
# COMPACT_ATOMS: atom_id res chain seq x y z
N ARG A 9 31.91 -19.36 21.35
CA ARG A 9 31.52 -17.95 21.30
C ARG A 9 30.08 -17.81 20.78
N SER A 10 29.16 -17.62 21.72
CA SER A 10 27.73 -17.61 21.42
C SER A 10 26.97 -16.96 22.57
N LEU A 11 25.70 -16.67 22.31
CA LEU A 11 24.90 -15.83 23.20
C LEU A 11 23.42 -16.16 23.10
N VAL A 12 22.68 -15.54 24.00
CA VAL A 12 21.23 -15.41 23.90
C VAL A 12 20.94 -13.93 24.13
N ILE A 13 20.11 -13.34 23.29
CA ILE A 13 19.73 -11.93 23.40
C ILE A 13 18.23 -11.90 23.64
N ILE A 14 17.80 -11.18 24.68
CA ILE A 14 16.39 -11.24 25.12
C ILE A 14 15.82 -9.82 25.09
N SER A 15 15.07 -9.51 24.05
CA SER A 15 14.26 -8.30 24.02
C SER A 15 13.00 -8.51 24.87
N THR A 16 12.78 -7.63 25.84
CA THR A 16 11.71 -7.79 26.80
C THR A 16 10.72 -6.65 26.66
N LEU A 17 9.59 -6.78 27.37
CA LEU A 17 8.47 -5.86 27.18
C LEU A 17 8.69 -4.51 27.87
N ASP A 18 9.88 -4.22 28.41
CA ASP A 18 10.18 -2.91 28.97
C ASP A 18 11.20 -2.15 28.11
N GLY A 19 11.29 -2.48 26.82
CA GLY A 19 12.22 -1.79 25.96
C GLY A 19 13.68 -2.08 26.27
N ARG A 20 14.00 -3.30 26.73
CA ARG A 20 15.34 -3.65 27.21
C ARG A 20 15.81 -4.93 26.54
N ILE A 21 17.14 -5.10 26.52
CA ILE A 21 17.86 -6.23 25.93
C ILE A 21 18.69 -6.89 27.03
N ALA A 22 19.02 -8.16 26.86
CA ALA A 22 19.97 -8.79 27.77
C ALA A 22 20.73 -9.91 27.09
N ALA A 23 21.99 -10.07 27.47
CA ALA A 23 22.85 -11.12 26.93
C ALA A 23 23.08 -12.12 28.04
N LEU A 24 22.67 -13.36 27.78
CA LEU A 24 22.88 -14.48 28.67
C LEU A 24 23.80 -15.46 27.97
N ASP A 25 24.07 -16.58 28.63
CA ASP A 25 25.07 -17.48 28.08
C ASP A 25 24.57 -18.91 27.89
N PRO A 26 24.97 -19.54 26.80
CA PRO A 26 24.67 -20.96 26.64
C PRO A 26 25.91 -21.79 26.92
N GLU A 27 26.77 -21.30 27.81
CA GLU A 27 28.07 -21.92 28.08
C GLU A 27 28.10 -22.45 29.52
N ASN A 28 27.35 -23.53 29.75
CA ASN A 28 27.02 -24.12 31.04
C ASN A 28 26.16 -23.15 31.85
N HIS A 29 25.99 -21.95 31.33
CA HIS A 29 25.55 -20.82 32.14
C HIS A 29 24.07 -20.46 32.01
N GLY A 30 23.80 -19.41 31.25
CA GLY A 30 22.66 -18.56 31.48
C GLY A 30 23.03 -17.24 32.13
N LYS A 31 24.32 -17.06 32.47
CA LYS A 31 24.79 -15.90 33.23
C LYS A 31 24.69 -14.63 32.41
N LYS A 32 24.33 -13.53 33.06
CA LYS A 32 24.16 -12.27 32.35
C LYS A 32 25.50 -11.71 31.87
N GLN A 33 25.62 -11.57 30.54
CA GLN A 33 26.82 -10.99 29.96
C GLN A 33 26.74 -9.47 30.02
N TRP A 34 25.89 -8.89 29.18
CA TRP A 34 25.65 -7.46 29.13
C TRP A 34 24.13 -7.23 29.13
N ASP A 35 23.70 -5.98 29.38
CA ASP A 35 22.29 -5.69 29.67
C ASP A 35 21.97 -4.23 29.29
N LEU A 36 21.32 -4.04 28.13
CA LEU A 36 21.22 -2.71 27.50
C LEU A 36 19.95 -1.93 27.87
N ASP A 37 20.10 -0.63 28.11
CA ASP A 37 18.98 0.29 28.30
C ASP A 37 19.13 1.51 27.42
N VAL A 38 18.20 1.68 26.47
CA VAL A 38 18.16 2.83 25.58
C VAL A 38 17.21 3.90 26.15
N GLY A 39 17.17 5.08 25.51
CA GLY A 39 16.27 6.17 25.95
C GLY A 39 14.81 6.01 25.55
N SER A 40 14.53 5.19 24.55
CA SER A 40 13.16 4.83 24.23
C SER A 40 12.57 4.01 25.37
N GLY A 41 11.29 4.22 25.66
CA GLY A 41 10.75 3.62 26.85
C GLY A 41 10.10 2.27 26.65
N SER A 42 8.78 2.20 26.87
CA SER A 42 8.08 0.92 26.89
C SER A 42 8.13 0.23 25.53
N LEU A 43 7.80 -1.06 25.52
CA LEU A 43 7.70 -1.78 24.25
C LEU A 43 6.26 -1.80 23.74
N VAL A 44 5.27 -1.87 24.64
CA VAL A 44 3.85 -1.78 24.30
C VAL A 44 3.22 -0.76 25.24
N SER A 45 2.54 0.24 24.67
CA SER A 45 1.76 1.20 25.44
C SER A 45 0.39 1.42 24.81
N SER A 46 -0.57 1.76 25.66
CA SER A 46 -1.94 2.02 25.25
C SER A 46 -2.67 2.74 26.37
N SER A 47 -3.14 3.97 26.12
CA SER A 47 -4.16 4.54 27.01
C SER A 47 -5.50 3.85 26.76
N LEU A 48 -5.89 3.76 25.49
CA LEU A 48 -7.03 2.96 25.05
C LEU A 48 -8.33 3.47 25.67
N MET A 58 -13.23 -2.93 23.47
CA MET A 58 -11.90 -2.77 24.05
C MET A 58 -10.87 -3.25 23.04
N ILE A 59 -9.98 -2.32 22.68
CA ILE A 59 -9.05 -2.44 21.56
C ILE A 59 -7.70 -2.95 22.08
N ILE A 60 -7.16 -3.98 21.45
CA ILE A 60 -5.93 -4.62 21.92
C ILE A 60 -4.86 -4.50 20.85
N PRO A 61 -3.72 -3.84 21.09
CA PRO A 61 -2.72 -3.73 20.04
C PRO A 61 -1.81 -4.95 19.98
N SER A 62 -1.52 -5.36 18.75
CA SER A 62 -0.40 -6.24 18.44
C SER A 62 0.88 -5.43 18.44
N LEU A 63 2.01 -6.13 18.60
CA LEU A 63 3.30 -5.52 18.39
C LEU A 63 3.47 -5.04 16.95
N ASP A 64 2.91 -5.79 16.01
CA ASP A 64 2.97 -5.57 14.55
C ASP A 64 3.12 -4.11 14.03
N GLY A 65 2.25 -3.15 14.39
CA GLY A 65 1.20 -3.28 15.40
C GLY A 65 -0.24 -3.17 14.93
N ALA A 66 -0.79 -4.34 14.61
CA ALA A 66 -2.18 -4.48 14.20
C ALA A 66 -3.12 -4.14 15.36
N LEU A 67 -4.37 -3.88 15.01
CA LEU A 67 -5.34 -3.47 16.01
C LEU A 67 -6.58 -4.36 15.95
N PHE A 68 -7.05 -4.73 17.15
CA PHE A 68 -8.11 -5.72 17.35
C PHE A 68 -9.10 -5.22 18.40
N GLN A 69 -10.35 -5.62 18.20
CA GLN A 69 -11.48 -5.30 19.06
C GLN A 69 -11.99 -6.54 19.79
N TRP A 70 -12.11 -6.47 21.12
CA TRP A 70 -12.77 -7.50 21.91
C TRP A 70 -13.93 -6.92 22.71
N ASP A 71 -15.11 -7.53 22.61
CA ASP A 71 -16.16 -7.26 23.61
C ASP A 71 -16.71 -8.58 24.13
N GLN A 72 -16.67 -8.74 25.46
CA GLN A 72 -16.98 -9.99 26.14
C GLN A 72 -18.41 -10.49 25.89
N ASP A 73 -19.28 -9.69 25.27
CA ASP A 73 -20.56 -10.23 24.81
C ASP A 73 -20.37 -11.27 23.71
N ARG A 74 -19.41 -11.06 22.82
CA ARG A 74 -19.02 -12.01 21.79
C ARG A 74 -17.79 -12.85 22.17
N GLU A 75 -17.59 -13.93 21.41
CA GLU A 75 -16.24 -14.47 21.25
C GLU A 75 -15.39 -13.52 20.42
N SER A 76 -16.03 -12.65 19.65
CA SER A 76 -15.46 -11.84 18.58
C SER A 76 -14.21 -11.09 19.00
N MET A 77 -13.07 -11.67 18.68
CA MET A 77 -11.80 -10.96 18.64
C MET A 77 -11.57 -10.69 17.15
N GLU A 78 -11.93 -9.48 16.71
CA GLU A 78 -11.77 -9.05 15.32
C GLU A 78 -10.45 -8.29 15.12
N THR A 79 -9.95 -8.29 13.89
CA THR A 79 -8.95 -7.29 13.52
C THR A 79 -9.76 -6.09 13.03
N VAL A 80 -9.27 -4.88 13.32
CA VAL A 80 -10.07 -3.73 12.94
C VAL A 80 -9.46 -3.15 11.67
N PRO A 81 -10.21 -2.36 10.88
CA PRO A 81 -9.66 -1.83 9.61
C PRO A 81 -8.71 -0.63 9.78
N PHE A 82 -8.07 -0.54 10.95
CA PHE A 82 -7.03 0.43 11.22
C PHE A 82 -5.85 -0.27 11.91
N THR A 83 -4.65 0.22 11.61
CA THR A 83 -3.42 -0.18 12.29
C THR A 83 -2.74 1.07 12.82
N VAL A 84 -1.85 0.89 13.80
CA VAL A 84 -1.18 2.06 14.37
C VAL A 84 -0.43 2.84 13.29
N GLU A 85 -0.08 2.17 12.18
CA GLU A 85 0.47 2.80 10.98
C GLU A 85 -0.58 3.61 10.24
N SER A 86 -1.53 2.91 9.61
CA SER A 86 -2.54 3.53 8.75
C SER A 86 -3.23 4.73 9.42
N LEU A 87 -3.19 4.82 10.74
CA LEU A 87 -3.89 5.93 11.39
C LEU A 87 -3.10 7.24 11.36
N LEU A 88 -1.77 7.16 11.23
CA LEU A 88 -0.95 8.36 11.15
C LEU A 88 -1.24 9.19 9.90
N GLU A 89 -1.46 8.56 8.75
CA GLU A 89 -1.92 9.30 7.56
C GLU A 89 -3.43 9.55 7.63
N SER A 90 -3.80 10.25 8.70
CA SER A 90 -5.14 10.51 9.21
C SER A 90 -6.30 10.10 8.29
N ASP A 97 -12.15 17.16 13.91
CA ASP A 97 -12.88 16.38 14.91
C ASP A 97 -11.96 15.80 16.02
N VAL A 98 -10.83 15.28 15.58
CA VAL A 98 -9.72 14.89 16.46
C VAL A 98 -8.48 14.81 15.57
N VAL A 99 -7.42 15.51 15.93
CA VAL A 99 -6.25 15.56 15.05
C VAL A 99 -5.18 14.59 15.57
N LEU A 100 -4.65 13.79 14.64
CA LEU A 100 -3.76 12.67 14.96
C LEU A 100 -2.33 13.04 14.66
N VAL A 101 -1.45 12.55 15.53
CA VAL A 101 -0.01 12.77 15.53
C VAL A 101 0.65 11.40 15.75
N GLY A 102 1.94 11.32 15.50
CA GLY A 102 2.69 10.13 15.86
C GLY A 102 4.03 10.12 15.18
N GLY A 103 4.66 8.97 15.19
CA GLY A 103 5.91 8.90 14.49
C GLY A 103 6.67 7.60 14.56
N LYS A 104 6.68 6.90 13.42
CA LYS A 104 7.57 5.78 13.25
C LYS A 104 8.99 6.26 13.40
N SER A 105 9.74 5.61 14.29
CA SER A 105 11.15 5.86 14.48
C SER A 105 11.92 4.78 13.74
N LEU A 106 13.20 5.03 13.55
CA LEU A 106 14.06 3.95 13.13
C LEU A 106 15.48 4.34 13.54
N THR A 107 15.96 3.78 14.65
CA THR A 107 17.31 4.07 15.11
C THR A 107 18.06 2.77 15.37
N THR A 108 19.34 2.69 14.96
CA THR A 108 20.10 1.46 15.14
C THR A 108 21.28 1.70 16.07
N TYR A 109 21.62 0.63 16.79
CA TYR A 109 22.75 0.51 17.68
C TYR A 109 23.44 -0.81 17.14
N GLY A 110 24.71 -0.85 16.70
CA GLY A 110 25.79 -0.13 17.33
C GLY A 110 26.21 -0.84 18.63
N LEU A 111 26.57 -2.13 18.62
CA LEU A 111 27.00 -2.79 19.85
C LEU A 111 28.17 -3.75 19.63
N SER A 112 28.79 -4.10 20.78
CA SER A 112 29.95 -4.98 20.93
C SER A 112 29.52 -6.35 21.48
N ALA A 113 29.41 -7.36 20.60
CA ALA A 113 28.76 -8.65 20.86
C ALA A 113 28.76 -9.08 22.32
N TYR A 114 29.83 -8.76 23.05
CA TYR A 114 30.02 -9.17 24.42
C TYR A 114 30.74 -8.02 25.11
N SER A 115 30.16 -7.54 26.21
CA SER A 115 30.36 -6.24 26.87
C SER A 115 29.19 -5.32 26.53
N GLY A 116 28.68 -5.43 25.30
CA GLY A 116 27.45 -4.72 24.94
C GLY A 116 27.51 -3.23 25.10
N LYS A 117 28.63 -2.61 24.72
CA LYS A 117 28.85 -1.18 24.88
C LYS A 117 28.78 -0.52 23.50
N VAL A 118 27.82 0.41 23.34
CA VAL A 118 27.51 0.96 22.02
C VAL A 118 28.72 1.62 21.39
N ARG A 119 29.09 1.16 20.18
CA ARG A 119 29.98 1.95 19.34
C ARG A 119 29.26 3.17 18.78
N TYR A 120 28.07 2.97 18.23
CA TYR A 120 27.32 4.08 17.69
C TYR A 120 25.84 3.94 18.06
N ILE A 121 25.14 5.08 17.92
CA ILE A 121 23.68 5.20 18.01
C ILE A 121 23.32 6.29 17.00
N CYS A 122 22.70 5.89 15.88
CA CYS A 122 22.54 6.78 14.74
C CYS A 122 21.07 6.75 14.33
N SER A 123 20.38 7.83 14.69
CA SER A 123 18.93 7.88 14.71
C SER A 123 18.42 8.39 13.36
N ALA A 124 17.17 8.85 13.35
CA ALA A 124 16.60 9.54 12.22
C ALA A 124 17.20 10.94 12.09
N LEU A 125 17.36 11.65 13.20
CA LEU A 125 17.90 13.02 13.17
C LEU A 125 19.19 13.12 13.95
N GLY A 126 20.14 12.25 13.66
CA GLY A 126 21.38 12.26 14.39
C GLY A 126 22.20 11.07 13.97
N CYS A 127 23.44 11.06 14.48
CA CYS A 127 24.44 10.03 14.22
C CYS A 127 25.71 10.27 15.05
N ARG A 128 26.07 9.32 15.90
CA ARG A 128 27.22 9.46 16.79
C ARG A 128 28.12 8.24 16.62
N GLN A 129 29.38 8.45 16.23
CA GLN A 129 30.33 7.33 16.07
C GLN A 129 30.84 6.87 17.43
N ILE A 141 29.62 -4.70 15.76
CA ILE A 141 29.49 -6.01 15.11
C ILE A 141 28.26 -6.76 15.65
N LEU A 142 27.41 -6.09 16.41
CA LEU A 142 26.09 -6.62 16.69
C LEU A 142 25.12 -5.45 16.66
N LEU A 143 24.21 -5.41 15.68
CA LEU A 143 23.46 -4.18 15.38
C LEU A 143 21.99 -4.32 15.82
N LEU A 144 21.60 -3.53 16.81
CA LEU A 144 20.32 -3.67 17.50
C LEU A 144 19.42 -2.51 17.07
N GLN A 145 18.47 -2.78 16.18
CA GLN A 145 17.66 -1.72 15.56
C GLN A 145 16.30 -1.65 16.25
N ARG A 146 15.96 -0.48 16.77
CA ARG A 146 14.67 -0.29 17.42
C ARG A 146 13.69 0.39 16.46
N THR A 147 12.51 -0.21 16.33
CA THR A 147 11.40 0.42 15.62
C THR A 147 10.33 0.73 16.66
N GLN A 148 9.68 1.86 16.52
CA GLN A 148 8.73 2.31 17.52
C GLN A 148 7.74 3.22 16.80
N LYS A 149 6.52 2.74 16.69
CA LYS A 149 5.43 3.47 16.05
C LYS A 149 4.48 4.01 17.12
N THR A 150 4.09 5.27 17.01
CA THR A 150 3.13 5.83 17.97
C THR A 150 1.95 6.42 17.23
N VAL A 151 0.89 6.74 17.97
CA VAL A 151 -0.20 7.58 17.47
C VAL A 151 -0.87 8.24 18.68
N ARG A 152 -1.17 9.52 18.58
CA ARG A 152 -2.01 10.16 19.59
C ARG A 152 -3.26 10.76 18.94
N ALA A 153 -4.27 11.06 19.76
CA ALA A 153 -5.49 11.73 19.27
C ALA A 153 -5.87 12.83 20.24
N VAL A 154 -5.73 14.08 19.82
CA VAL A 154 -5.92 15.18 20.75
C VAL A 154 -7.16 15.99 20.38
N GLY A 155 -7.62 16.80 21.33
CA GLY A 155 -8.72 17.69 21.08
C GLY A 155 -8.21 18.74 20.13
N PRO A 156 -8.94 18.97 19.03
CA PRO A 156 -8.44 19.93 18.01
C PRO A 156 -8.28 21.35 18.54
N ARG A 157 -9.31 21.90 19.15
CA ARG A 157 -9.17 23.15 19.90
C ARG A 157 -8.21 22.95 21.07
N SER A 158 -8.37 21.83 21.78
CA SER A 158 -7.81 21.65 23.12
C SER A 158 -6.31 21.37 23.10
N GLY A 159 -5.84 20.57 22.12
CA GLY A 159 -4.44 20.17 22.01
C GLY A 159 -4.06 18.99 22.88
N ASN A 160 -4.89 18.63 23.85
CA ASN A 160 -4.62 17.54 24.76
C ASN A 160 -5.25 16.23 24.27
N GLU A 161 -4.47 15.15 24.38
CA GLU A 161 -4.86 13.88 23.80
C GLU A 161 -5.97 13.20 24.60
N LYS A 162 -6.72 12.36 23.88
CA LYS A 162 -7.84 11.64 24.43
C LYS A 162 -7.59 10.14 24.46
N TRP A 163 -6.77 9.65 23.52
CA TRP A 163 -6.29 8.27 23.49
C TRP A 163 -5.02 8.20 22.66
N ASN A 164 -4.23 7.16 22.92
CA ASN A 164 -2.96 6.99 22.24
C ASN A 164 -2.59 5.52 22.12
N PHE A 165 -1.43 5.30 21.50
CA PHE A 165 -0.85 4.00 21.21
C PHE A 165 0.62 4.22 20.95
N SER A 166 1.48 3.50 21.64
CA SER A 166 2.86 3.39 21.21
C SER A 166 3.16 1.90 21.16
N VAL A 167 3.63 1.42 20.02
CA VAL A 167 4.01 0.02 19.84
C VAL A 167 5.38 -0.05 19.16
N GLY A 168 6.31 -0.80 19.75
CA GLY A 168 7.64 -0.96 19.19
C GLY A 168 8.15 -2.41 19.16
N HIS A 169 9.42 -2.64 18.81
CA HIS A 169 10.00 -3.98 18.76
C HIS A 169 11.47 -3.82 18.39
N PHE A 170 12.22 -4.94 18.42
CA PHE A 170 13.66 -5.01 18.16
C PHE A 170 13.98 -6.14 17.19
N GLU A 171 14.84 -5.85 16.20
CA GLU A 171 15.41 -6.89 15.35
C GLU A 171 16.87 -6.57 15.11
N LEU A 172 17.69 -7.61 14.96
CA LEU A 172 19.14 -7.43 14.92
C LEU A 172 19.80 -8.38 13.92
N ARG A 173 21.01 -7.98 13.46
CA ARG A 173 21.94 -8.85 12.74
C ARG A 173 23.38 -8.50 13.12
N TYR A 174 24.32 -9.37 12.73
CA TYR A 174 25.67 -8.92 12.37
C TYR A 174 25.67 -8.49 10.90
N VAL A 215 18.98 -26.66 22.17
CA VAL A 215 17.64 -26.07 22.15
C VAL A 215 17.56 -24.99 23.23
N ILE A 216 17.09 -23.81 22.85
CA ILE A 216 17.09 -22.61 23.68
C ILE A 216 15.65 -22.15 23.98
N LYS A 217 14.69 -23.03 23.76
CA LYS A 217 13.27 -22.86 24.08
C LYS A 217 12.93 -21.66 24.97
N VAL A 218 12.08 -20.79 24.52
CA VAL A 218 11.49 -19.80 25.39
C VAL A 218 10.07 -20.24 25.70
N SER A 219 9.63 -19.99 26.93
CA SER A 219 8.23 -20.02 27.32
C SER A 219 7.80 -18.57 27.51
N VAL A 220 6.64 -18.19 26.96
CA VAL A 220 6.26 -16.78 26.87
C VAL A 220 5.33 -16.35 28.02
N ALA A 221 4.41 -17.24 28.44
CA ALA A 221 3.59 -16.96 29.62
C ALA A 221 4.39 -17.18 30.91
N ASP A 222 5.36 -18.10 30.87
CA ASP A 222 6.36 -18.21 31.93
C ASP A 222 7.71 -17.61 31.51
N TRP A 223 7.67 -16.30 31.24
CA TRP A 223 8.79 -15.46 30.81
C TRP A 223 10.20 -16.05 30.97
N LYS A 224 10.44 -17.25 30.41
CA LYS A 224 11.66 -18.03 30.69
C LYS A 224 12.37 -18.41 29.40
N VAL A 225 13.69 -18.39 29.44
CA VAL A 225 14.53 -19.12 28.49
C VAL A 225 15.05 -20.36 29.20
N MET A 226 15.01 -21.47 28.49
CA MET A 226 15.30 -22.79 28.99
C MET A 226 16.18 -23.51 27.99
N GLU A 236 20.70 -28.26 30.85
CA GLU A 236 19.60 -27.31 30.91
C GLU A 236 19.79 -26.25 31.99
N TRP A 237 19.79 -24.99 31.56
CA TRP A 237 19.74 -23.85 32.44
C TRP A 237 18.44 -23.08 32.17
N GLU A 238 18.11 -22.14 33.04
CA GLU A 238 16.87 -21.41 32.87
C GLU A 238 17.04 -20.02 33.44
N TYR A 239 16.52 -19.02 32.76
CA TYR A 239 16.60 -17.65 33.26
C TYR A 239 15.19 -17.08 33.31
N GLN A 240 14.57 -17.09 34.48
CA GLN A 240 13.24 -16.53 34.60
C GLN A 240 13.33 -15.02 34.56
N PHE A 241 12.84 -14.41 33.48
CA PHE A 241 12.73 -12.97 33.46
C PHE A 241 11.41 -12.52 34.12
N CYS A 242 11.42 -11.27 34.56
CA CYS A 242 10.23 -10.42 34.60
C CYS A 242 10.87 -9.13 34.18
N THR A 243 10.44 -8.51 33.08
CA THR A 243 9.07 -8.52 32.54
C THR A 243 8.85 -9.49 31.36
N PRO A 244 7.66 -9.50 30.71
CA PRO A 244 7.43 -10.51 29.67
C PRO A 244 8.42 -10.37 28.51
N ILE A 245 8.67 -11.50 27.77
CA ILE A 245 9.70 -11.52 26.72
C ILE A 245 9.09 -11.15 25.38
N ALA A 246 9.85 -10.43 24.54
CA ALA A 246 9.33 -9.84 23.31
C ALA A 246 9.94 -10.45 22.06
N SER A 247 11.25 -10.28 21.85
CA SER A 247 12.03 -11.06 20.90
C SER A 247 13.15 -11.75 21.66
N ALA A 248 13.69 -12.83 21.09
CA ALA A 248 14.79 -13.52 21.74
C ALA A 248 15.60 -14.26 20.69
N TRP A 249 16.88 -13.96 20.62
CA TRP A 249 17.75 -14.59 19.65
C TRP A 249 18.88 -15.34 20.33
N LEU A 250 19.17 -16.55 19.84
CA LEU A 250 20.45 -17.18 20.15
C LEU A 250 21.37 -16.90 18.99
N LEU A 251 22.57 -16.46 19.34
CA LEU A 251 23.65 -16.10 18.45
C LEU A 251 24.79 -17.11 18.57
N LYS A 252 24.94 -18.02 17.61
CA LYS A 252 26.05 -18.98 17.68
C LYS A 252 26.61 -19.32 16.31
N ASP A 253 27.93 -19.27 16.19
CA ASP A 253 28.63 -19.51 14.92
C ASP A 253 28.11 -18.53 13.86
N GLY A 254 26.99 -18.87 13.23
CA GLY A 254 26.39 -18.09 12.18
C GLY A 254 25.30 -17.12 12.63
N LYS A 255 24.99 -17.14 13.93
CA LYS A 255 24.34 -16.02 14.59
C LYS A 255 22.85 -16.00 14.34
N VAL A 256 22.18 -15.15 15.13
CA VAL A 256 20.81 -14.69 14.97
C VAL A 256 19.85 -15.69 14.32
N ILE A 257 19.17 -16.45 15.16
CA ILE A 257 17.96 -17.22 14.86
C ILE A 257 17.13 -17.04 16.13
N PRO A 258 15.87 -16.64 15.99
CA PRO A 258 15.01 -16.39 17.16
C PRO A 258 14.36 -17.67 17.67
N ILE A 259 13.64 -17.54 18.77
CA ILE A 259 12.85 -18.59 19.37
C ILE A 259 11.41 -18.07 19.55
N SER A 260 10.52 -18.95 20.00
CA SER A 260 9.08 -18.67 20.09
C SER A 260 8.72 -17.60 21.14
N VAL A 281 -6.08 -34.25 9.69
CA VAL A 281 -5.66 -32.86 9.82
C VAL A 281 -5.20 -32.49 11.23
N GLU A 282 -6.10 -32.78 12.19
CA GLU A 282 -6.17 -32.25 13.55
C GLU A 282 -4.96 -31.44 14.01
N ALA A 283 -3.75 -31.87 13.66
CA ALA A 283 -2.55 -31.22 14.18
C ALA A 283 -2.41 -29.78 13.72
N ALA A 284 -2.92 -29.45 12.54
CA ALA A 284 -2.94 -28.06 12.12
C ALA A 284 -3.97 -27.27 12.93
N ARG A 285 -5.19 -27.80 13.08
CA ARG A 285 -6.13 -27.23 14.05
C ARG A 285 -5.46 -27.06 15.41
N GLY A 286 -4.54 -27.97 15.75
CA GLY A 286 -3.81 -27.90 17.00
C GLY A 286 -2.65 -26.94 17.00
N ALA A 287 -1.98 -26.79 15.85
CA ALA A 287 -0.79 -25.95 15.75
C ALA A 287 -1.08 -24.46 15.61
N THR A 288 -2.35 -24.01 15.55
CA THR A 288 -2.61 -22.59 15.36
C THR A 288 -2.68 -21.81 16.67
N GLU A 289 -3.23 -22.40 17.72
CA GLU A 289 -3.42 -21.63 18.95
C GLU A 289 -2.12 -21.38 19.69
N ASN A 290 -1.07 -22.13 19.40
CA ASN A 290 0.22 -21.79 20.00
C ASN A 290 0.94 -20.67 19.26
N SER A 291 0.51 -20.35 18.02
CA SER A 291 1.07 -19.19 17.32
C SER A 291 0.72 -17.89 18.03
N VAL A 292 -0.48 -17.83 18.64
CA VAL A 292 -1.01 -16.62 19.25
C VAL A 292 -0.77 -16.64 20.76
N TYR A 293 -0.43 -15.47 21.33
CA TYR A 293 -0.33 -15.28 22.77
C TYR A 293 -0.85 -13.91 23.19
N LEU A 294 -1.66 -13.84 24.24
CA LEU A 294 -1.99 -12.55 24.87
C LEU A 294 -1.21 -12.36 26.17
N GLY A 295 -0.58 -11.19 26.30
CA GLY A 295 0.10 -10.89 27.55
C GLY A 295 -0.53 -9.69 28.23
N MET A 296 0.12 -9.17 29.27
CA MET A 296 -0.38 -7.98 29.95
C MET A 296 0.84 -7.22 30.47
N TYR A 297 0.91 -5.93 30.20
CA TYR A 297 2.02 -5.14 30.72
C TYR A 297 1.64 -3.66 30.77
N ARG A 298 1.62 -3.04 31.95
CA ARG A 298 1.81 -3.71 33.24
C ARG A 298 0.62 -4.62 33.64
N GLY A 299 -0.64 -4.19 33.41
CA GLY A 299 -1.03 -2.89 32.89
C GLY A 299 -2.12 -2.95 31.83
N GLN A 300 -1.73 -3.18 30.57
CA GLN A 300 -2.64 -3.19 29.43
C GLN A 300 -2.44 -4.46 28.63
N LEU A 301 -3.49 -4.87 27.91
CA LEU A 301 -3.44 -6.09 27.08
C LEU A 301 -2.74 -5.87 25.75
N TYR A 302 -2.16 -6.97 25.22
CA TYR A 302 -1.41 -6.96 23.98
C TYR A 302 -1.47 -8.36 23.35
N LEU A 303 -1.00 -8.46 22.10
CA LEU A 303 -0.95 -9.70 21.36
C LEU A 303 0.48 -9.98 20.89
N GLN A 304 0.74 -11.23 20.52
CA GLN A 304 2.05 -11.59 20.00
C GLN A 304 1.88 -12.63 18.90
N SER A 305 2.83 -12.65 17.97
CA SER A 305 2.50 -12.84 16.56
C SER A 305 3.31 -13.97 15.97
N SER A 306 2.73 -14.55 14.91
CA SER A 306 3.30 -15.68 14.21
C SER A 306 2.44 -15.83 12.95
N SER B 10 -9.19 38.09 6.18
CA SER B 10 -9.32 36.68 5.81
C SER B 10 -8.33 36.35 4.69
N LEU B 11 -7.35 35.53 5.05
CA LEU B 11 -6.02 35.72 4.49
C LEU B 11 -5.41 34.50 3.82
N VAL B 12 -4.13 34.65 3.47
CA VAL B 12 -3.40 33.70 2.66
C VAL B 12 -2.18 33.24 3.45
N ILE B 13 -2.27 32.04 4.05
CA ILE B 13 -1.09 31.39 4.58
C ILE B 13 -0.26 30.88 3.42
N ILE B 14 1.05 30.80 3.63
CA ILE B 14 1.96 30.21 2.64
C ILE B 14 3.06 29.47 3.42
N SER B 15 3.48 28.31 2.91
CA SER B 15 4.72 27.65 3.35
C SER B 15 5.78 27.78 2.27
N THR B 16 7.01 27.47 2.64
CA THR B 16 8.19 27.66 1.79
C THR B 16 9.22 26.55 2.07
N LEU B 17 10.39 26.63 1.42
CA LEU B 17 11.37 25.53 1.51
C LEU B 17 12.45 25.73 2.56
N ASP B 18 12.60 26.96 3.07
CA ASP B 18 13.27 27.16 4.34
C ASP B 18 12.60 26.40 5.46
N GLY B 19 11.32 26.05 5.28
CA GLY B 19 10.49 25.35 6.22
C GLY B 19 9.42 26.23 6.82
N ARG B 20 9.71 27.53 6.95
CA ARG B 20 8.81 28.49 7.58
C ARG B 20 7.45 28.57 6.88
N ILE B 21 6.56 29.34 7.49
CA ILE B 21 5.20 29.54 7.03
C ILE B 21 4.99 31.04 7.02
N ALA B 22 4.08 31.52 6.18
CA ALA B 22 3.75 32.95 6.26
C ALA B 22 2.29 33.19 5.93
N ALA B 23 1.69 34.13 6.66
CA ALA B 23 0.34 34.61 6.40
C ALA B 23 0.42 36.07 6.00
N LEU B 24 -0.54 36.52 5.17
CA LEU B 24 -0.50 37.88 4.62
C LEU B 24 -1.75 38.61 5.13
N ASP B 25 -2.61 39.10 4.23
CA ASP B 25 -3.63 40.11 4.55
C ASP B 25 -4.09 40.74 3.24
N PRO B 26 -4.83 40.02 2.38
CA PRO B 26 -5.03 40.52 1.00
C PRO B 26 -5.87 41.77 0.94
N GLU B 27 -6.65 42.07 1.99
CA GLU B 27 -7.47 43.27 2.06
C GLU B 27 -6.63 44.50 2.38
N ASN B 28 -5.66 44.35 3.29
CA ASN B 28 -4.68 45.37 3.62
C ASN B 28 -3.43 45.29 2.73
N HIS B 29 -3.64 45.12 1.42
CA HIS B 29 -2.62 45.27 0.38
C HIS B 29 -1.46 44.30 0.52
N GLY B 30 -1.69 43.16 1.20
CA GLY B 30 -0.84 41.99 1.12
C GLY B 30 0.28 41.88 2.13
N LYS B 31 0.20 42.65 3.22
CA LYS B 31 1.37 42.99 4.04
C LYS B 31 1.45 42.08 5.26
N LYS B 32 2.57 41.36 5.39
CA LYS B 32 2.66 40.27 6.37
C LYS B 32 2.39 40.78 7.78
N GLN B 33 1.72 39.96 8.59
CA GLN B 33 1.30 40.37 9.93
C GLN B 33 1.73 39.32 10.95
N TRP B 34 2.90 39.53 11.56
CA TRP B 34 3.38 38.78 12.73
C TRP B 34 3.56 37.29 12.41
N ASP B 35 4.71 36.90 11.87
CA ASP B 35 4.84 35.59 11.26
C ASP B 35 6.14 34.91 11.68
N LEU B 36 6.02 33.81 12.44
CA LEU B 36 7.14 33.01 12.93
C LEU B 36 6.84 31.55 12.68
N ASP B 37 7.69 30.64 13.16
CA ASP B 37 7.45 29.22 12.87
C ASP B 37 8.19 28.30 13.84
N VAL B 38 8.60 27.14 13.35
CA VAL B 38 9.06 26.00 14.14
C VAL B 38 10.26 25.38 13.43
N GLY B 39 11.25 24.95 14.19
CA GLY B 39 12.40 24.29 13.60
C GLY B 39 12.12 22.85 13.23
N SER B 40 12.80 22.41 12.17
CA SER B 40 12.89 21.01 11.74
C SER B 40 13.85 20.99 10.57
N GLY B 41 14.46 22.14 10.30
CA GLY B 41 15.36 22.31 9.17
C GLY B 41 14.64 22.71 7.90
N SER B 42 15.19 22.22 6.78
CA SER B 42 14.65 22.48 5.45
C SER B 42 13.34 21.73 5.26
N LEU B 43 12.78 21.87 4.07
CA LEU B 43 11.66 21.05 3.64
C LEU B 43 12.12 19.98 2.67
N VAL B 44 13.38 20.02 2.25
CA VAL B 44 14.09 19.01 1.45
C VAL B 44 15.57 19.10 1.77
N SER B 45 16.20 17.95 2.04
CA SER B 45 17.65 17.87 2.30
C SER B 45 18.18 16.60 1.66
N SER B 46 18.77 16.75 0.46
CA SER B 46 19.42 15.66 -0.25
C SER B 46 20.93 15.74 -0.09
N SER B 47 21.56 14.59 -0.32
CA SER B 47 22.87 14.28 0.25
C SER B 47 23.37 12.95 -0.30
N LEU B 48 23.13 12.71 -1.59
CA LEU B 48 23.36 11.40 -2.15
C LEU B 48 24.74 11.31 -2.87
N LYS B 57 22.37 9.15 -12.54
CA LYS B 57 23.47 10.05 -12.29
C LYS B 57 23.23 10.85 -11.01
N MET B 58 22.07 11.49 -10.89
CA MET B 58 21.72 12.16 -9.64
C MET B 58 20.22 12.12 -9.42
N ILE B 59 19.82 11.52 -8.30
CA ILE B 59 18.41 11.39 -7.95
C ILE B 59 17.84 12.74 -7.50
N ILE B 60 16.56 12.98 -7.77
CA ILE B 60 15.88 14.20 -7.37
C ILE B 60 14.72 13.83 -6.46
N PRO B 61 14.59 14.46 -5.25
CA PRO B 61 13.40 14.24 -4.42
C PRO B 61 12.25 15.21 -4.71
N SER B 62 11.06 14.66 -4.86
CA SER B 62 9.86 15.47 -4.70
C SER B 62 9.55 15.59 -3.22
N LEU B 63 8.71 16.58 -2.89
CA LEU B 63 8.37 16.83 -1.49
C LEU B 63 7.31 15.84 -1.00
N ASP B 64 6.63 15.15 -1.91
CA ASP B 64 5.75 14.05 -1.54
C ASP B 64 6.53 12.98 -0.79
N GLY B 65 7.74 12.64 -1.28
CA GLY B 65 8.60 11.65 -0.66
C GLY B 65 9.12 10.61 -1.64
N ALA B 66 8.48 10.53 -2.81
CA ALA B 66 8.87 9.61 -3.86
C ALA B 66 9.77 10.35 -4.84
N LEU B 67 10.79 9.66 -5.34
CA LEU B 67 11.92 10.31 -5.98
C LEU B 67 12.29 9.68 -7.33
N PHE B 68 13.09 10.43 -8.11
CA PHE B 68 13.35 10.15 -9.51
C PHE B 68 14.83 10.29 -9.84
N GLN B 69 15.40 9.23 -10.44
CA GLN B 69 16.74 9.39 -10.99
C GLN B 69 16.66 10.20 -12.25
N TRP B 70 17.71 10.97 -12.53
CA TRP B 70 17.86 11.73 -13.77
C TRP B 70 19.26 11.54 -14.33
N ASP B 71 19.42 10.59 -15.24
CA ASP B 71 20.73 10.38 -15.86
C ASP B 71 20.99 11.53 -16.82
N GLN B 72 21.73 12.54 -16.35
CA GLN B 72 21.98 13.76 -17.11
C GLN B 72 22.63 13.47 -18.46
N ASP B 73 23.32 12.35 -18.61
CA ASP B 73 23.65 11.90 -19.96
C ASP B 73 22.34 11.55 -20.65
N ARG B 74 21.70 10.47 -20.20
CA ARG B 74 20.49 9.91 -20.79
C ARG B 74 19.27 10.81 -20.66
N GLU B 75 19.42 11.99 -20.05
CA GLU B 75 18.32 12.92 -19.71
C GLU B 75 17.13 12.15 -19.13
N SER B 76 17.45 11.33 -18.14
CA SER B 76 16.64 10.19 -17.77
C SER B 76 15.88 10.41 -16.47
N MET B 77 14.98 11.42 -16.42
CA MET B 77 14.13 11.61 -15.24
C MET B 77 13.20 10.40 -15.10
N GLU B 78 13.77 9.29 -14.64
CA GLU B 78 13.09 8.02 -14.64
C GLU B 78 12.83 7.58 -13.21
N THR B 79 11.57 7.29 -12.94
CA THR B 79 10.99 7.14 -11.61
C THR B 79 11.51 5.90 -10.89
N VAL B 80 12.56 6.09 -10.10
CA VAL B 80 13.27 4.99 -9.41
C VAL B 80 12.32 4.27 -8.45
N PRO B 81 12.19 2.90 -8.55
CA PRO B 81 11.04 2.19 -7.93
C PRO B 81 10.99 2.17 -6.40
N PHE B 82 11.04 3.35 -5.76
CA PHE B 82 11.08 3.46 -4.29
C PHE B 82 10.39 4.76 -3.86
N THR B 83 10.33 4.97 -2.55
CA THR B 83 10.04 6.29 -1.97
C THR B 83 10.98 6.49 -0.78
N VAL B 84 10.85 7.65 -0.11
CA VAL B 84 11.50 7.79 1.19
C VAL B 84 10.79 6.88 2.20
N GLU B 85 9.50 6.66 2.00
CA GLU B 85 8.77 5.78 2.90
C GLU B 85 9.30 4.35 2.79
N SER B 86 9.32 3.81 1.57
CA SER B 86 9.79 2.47 1.28
C SER B 86 11.12 2.10 1.95
N LEU B 87 12.22 2.75 1.57
CA LEU B 87 13.58 2.42 2.05
C LEU B 87 13.61 2.14 3.55
N LEU B 88 12.79 2.87 4.34
CA LEU B 88 12.68 2.63 5.78
C LEU B 88 12.08 1.28 6.12
N GLU B 89 11.42 0.63 5.16
CA GLU B 89 10.94 -0.75 5.30
C GLU B 89 11.60 -1.62 4.23
N SER B 90 12.90 -1.37 4.00
CA SER B 90 13.76 -2.27 3.25
C SER B 90 13.91 -3.60 3.97
N ASP B 96 23.05 -5.70 4.21
CA ASP B 96 24.20 -5.65 3.32
C ASP B 96 25.26 -4.60 3.71
N ASP B 97 25.40 -3.55 2.88
CA ASP B 97 26.45 -2.55 2.99
C ASP B 97 26.10 -1.39 3.91
N VAL B 98 24.84 -0.93 3.93
CA VAL B 98 24.45 0.22 4.73
C VAL B 98 23.12 -0.09 5.40
N VAL B 99 22.94 0.43 6.62
CA VAL B 99 21.73 0.22 7.40
C VAL B 99 20.86 1.47 7.28
N LEU B 100 19.58 1.28 7.01
CA LEU B 100 18.70 2.40 6.67
C LEU B 100 17.94 2.83 7.93
N VAL B 101 18.49 3.83 8.61
CA VAL B 101 17.86 4.44 9.78
C VAL B 101 17.04 5.61 9.27
N GLY B 102 16.23 6.22 10.13
CA GLY B 102 15.37 7.27 9.64
C GLY B 102 14.08 7.28 10.43
N GLY B 103 13.03 7.78 9.81
CA GLY B 103 11.71 7.86 10.42
C GLY B 103 10.85 8.99 9.88
N LYS B 104 9.55 8.77 9.90
CA LYS B 104 8.55 9.79 9.66
C LYS B 104 8.07 10.41 10.98
N SER B 105 7.64 11.67 10.92
CA SER B 105 7.05 12.36 12.06
C SER B 105 5.94 13.27 11.56
N LEU B 106 4.76 13.16 12.19
CA LEU B 106 3.65 14.10 12.07
C LEU B 106 3.43 14.84 13.39
N THR B 107 2.99 16.10 13.31
CA THR B 107 2.83 16.98 14.48
C THR B 107 1.80 18.10 14.18
N THR B 108 1.21 18.69 15.24
CA THR B 108 0.20 19.75 15.06
C THR B 108 0.50 21.01 15.88
N TYR B 109 0.73 22.13 15.17
CA TYR B 109 0.96 23.44 15.78
C TYR B 109 -0.32 24.27 15.69
N GLY B 110 -1.21 24.10 16.66
CA GLY B 110 -2.46 24.83 16.67
C GLY B 110 -2.23 26.29 17.03
N LEU B 111 -2.50 27.21 16.10
CA LEU B 111 -2.12 28.61 16.22
C LEU B 111 -3.37 29.46 16.37
N SER B 112 -3.42 30.29 17.42
CA SER B 112 -4.53 31.23 17.48
C SER B 112 -4.49 32.26 16.36
N ALA B 113 -3.36 32.37 15.68
CA ALA B 113 -3.13 33.23 14.54
C ALA B 113 -4.26 33.18 13.55
N TYR B 114 -4.65 34.34 12.99
CA TYR B 114 -4.21 35.68 13.40
C TYR B 114 -4.41 36.02 14.88
N SER B 115 -3.36 36.48 15.56
CA SER B 115 -1.99 36.39 15.07
C SER B 115 -1.14 35.66 16.11
N GLY B 116 0.07 35.25 15.71
CA GLY B 116 0.89 34.37 16.52
C GLY B 116 0.79 32.93 16.06
N LYS B 117 0.21 32.02 16.83
CA LYS B 117 -0.05 32.18 18.27
C LYS B 117 -0.14 30.75 18.80
N VAL B 118 1.04 30.13 18.91
CA VAL B 118 1.22 28.73 19.26
C VAL B 118 0.32 28.34 20.43
N ARG B 119 -0.94 28.05 20.11
CA ARG B 119 -1.92 27.67 21.13
C ARG B 119 -1.63 26.28 21.70
N TYR B 120 -0.85 25.47 21.01
CA TYR B 120 -0.31 24.21 21.52
C TYR B 120 0.59 23.62 20.44
N ILE B 121 1.20 22.46 20.76
CA ILE B 121 2.01 21.65 19.85
C ILE B 121 1.84 20.21 20.30
N CYS B 122 1.76 19.27 19.34
CA CYS B 122 1.58 17.84 19.65
C CYS B 122 2.45 17.00 18.73
N SER B 123 3.57 16.50 19.25
CA SER B 123 4.34 15.47 18.56
C SER B 123 4.21 14.17 19.35
N ALA B 124 4.79 13.10 18.77
CA ALA B 124 4.81 11.82 19.47
C ALA B 124 5.43 11.98 20.86
N LEU B 125 6.29 12.99 21.03
CA LEU B 125 6.91 13.29 22.32
C LEU B 125 6.12 14.37 23.07
N GLY B 126 4.93 13.96 23.53
CA GLY B 126 4.12 14.79 24.42
C GLY B 126 3.12 15.67 23.70
N CYS B 127 2.40 16.45 24.50
CA CYS B 127 1.41 17.37 23.99
C CYS B 127 1.47 18.65 24.84
N ARG B 128 2.65 19.27 24.87
CA ARG B 128 2.82 20.54 25.55
C ARG B 128 1.84 21.58 25.03
N GLN B 129 1.00 22.10 25.92
CA GLN B 129 -0.11 22.98 25.57
C GLN B 129 0.25 24.43 25.84
N TRP B 130 -0.74 25.31 25.67
CA TRP B 130 -0.57 26.73 25.90
C TRP B 130 -1.95 27.37 26.12
N ASP B 131 -1.92 28.64 26.51
CA ASP B 131 -3.14 29.28 26.95
C ASP B 131 -3.06 30.79 26.69
N SER B 132 -4.25 31.41 26.73
CA SER B 132 -4.45 32.82 26.42
C SER B 132 -5.86 33.26 26.82
N ILE B 141 -7.20 30.63 15.18
CA ILE B 141 -7.65 29.39 15.79
C ILE B 141 -7.27 28.31 14.78
N LEU B 142 -6.05 28.42 14.26
CA LEU B 142 -5.60 27.76 13.02
C LEU B 142 -4.56 26.67 13.31
N LEU B 143 -4.95 25.41 13.12
CA LEU B 143 -4.06 24.30 13.44
C LEU B 143 -3.29 23.85 12.20
N LEU B 144 -2.03 23.44 12.43
CA LEU B 144 -1.01 23.37 11.40
C LEU B 144 -0.24 22.06 11.49
N GLN B 145 -0.45 21.19 10.49
CA GLN B 145 0.21 19.90 10.37
C GLN B 145 1.63 20.04 9.84
N ARG B 146 2.51 19.17 10.30
CA ARG B 146 3.89 19.19 9.84
C ARG B 146 4.37 17.75 9.75
N THR B 147 4.57 17.28 8.53
CA THR B 147 5.02 15.93 8.26
C THR B 147 6.47 16.05 7.80
N GLN B 148 7.30 15.08 8.22
CA GLN B 148 8.72 15.07 7.89
C GLN B 148 9.13 13.63 7.66
N LYS B 149 9.89 13.40 6.60
CA LYS B 149 10.27 12.05 6.18
C LYS B 149 11.79 12.03 5.91
N THR B 150 12.58 11.75 6.94
CA THR B 150 14.01 11.60 6.73
C THR B 150 14.33 10.12 6.55
N VAL B 151 15.56 9.87 6.07
CA VAL B 151 16.19 8.56 5.97
C VAL B 151 17.68 8.73 5.72
N ARG B 152 18.47 8.65 6.79
CA ARG B 152 19.91 8.45 6.67
C ARG B 152 20.21 7.03 6.21
N ALA B 153 21.25 6.86 5.41
CA ALA B 153 21.82 5.54 5.16
C ALA B 153 23.24 5.56 5.71
N VAL B 154 23.52 4.72 6.73
CA VAL B 154 24.85 4.64 7.31
C VAL B 154 25.31 3.21 7.19
N GLY B 155 26.63 3.03 7.05
CA GLY B 155 27.27 1.74 6.95
C GLY B 155 27.74 1.22 8.29
N PRO B 156 27.68 -0.11 8.49
CA PRO B 156 27.58 -0.63 9.86
C PRO B 156 28.88 -0.66 10.66
N ARG B 157 30.06 -0.63 10.01
CA ARG B 157 31.35 -0.66 10.71
C ARG B 157 31.48 0.48 11.72
N SER B 158 31.05 1.69 11.35
CA SER B 158 30.87 2.80 12.27
C SER B 158 29.82 3.74 11.70
N GLY B 159 29.19 4.53 12.57
CA GLY B 159 28.13 5.42 12.13
C GLY B 159 28.65 6.59 11.32
N ASN B 160 28.92 6.37 10.04
CA ASN B 160 29.63 7.35 9.22
C ASN B 160 28.75 8.17 8.29
N GLU B 161 27.48 7.79 8.14
CA GLU B 161 26.56 8.53 7.28
C GLU B 161 26.98 8.47 5.81
N LYS B 162 26.23 7.73 5.00
CA LYS B 162 26.56 7.58 3.59
C LYS B 162 25.70 8.42 2.66
N TRP B 163 24.46 8.76 3.03
CA TRP B 163 23.57 9.66 2.27
C TRP B 163 22.21 9.72 2.96
N ASN B 164 21.44 10.77 2.67
CA ASN B 164 20.16 10.97 3.34
C ASN B 164 19.24 11.87 2.54
N PHE B 165 17.94 11.64 2.68
CA PHE B 165 16.90 12.49 2.13
C PHE B 165 15.93 12.85 3.24
N SER B 166 15.50 14.10 3.30
CA SER B 166 14.47 14.49 4.27
C SER B 166 13.54 15.48 3.58
N VAL B 167 12.37 14.99 3.17
CA VAL B 167 11.28 15.77 2.60
C VAL B 167 10.31 16.15 3.71
N GLY B 168 9.23 16.83 3.37
CA GLY B 168 8.29 17.25 4.39
C GLY B 168 7.32 18.26 3.83
N HIS B 169 6.29 18.54 4.61
CA HIS B 169 5.33 19.52 4.15
C HIS B 169 4.33 19.80 5.25
N PHE B 170 4.04 21.06 5.46
CA PHE B 170 2.93 21.42 6.31
C PHE B 170 1.62 21.29 5.54
N GLU B 171 0.55 20.95 6.27
CA GLU B 171 -0.82 20.95 5.76
C GLU B 171 -1.66 21.91 6.58
N LEU B 172 -2.83 22.26 6.07
CA LEU B 172 -3.56 23.37 6.65
C LEU B 172 -5.00 22.99 6.96
N ARG B 173 -5.45 23.45 8.13
CA ARG B 173 -6.80 23.19 8.59
C ARG B 173 -7.16 24.28 9.60
N TYR B 174 -8.36 24.85 9.44
CA TYR B 174 -8.88 25.90 10.32
C TYR B 174 -10.25 25.52 10.86
N ILE B 175 -10.45 25.82 12.14
CA ILE B 175 -11.71 25.50 12.83
C ILE B 175 -12.03 26.58 13.85
N PRO B 176 -13.20 27.24 13.75
CA PRO B 176 -13.61 28.30 14.68
C PRO B 176 -13.75 27.83 16.12
N ILE B 214 -10.38 40.80 -5.47
CA ILE B 214 -9.09 40.11 -5.59
C ILE B 214 -9.24 38.72 -6.17
N VAL B 215 -8.09 38.15 -6.52
CA VAL B 215 -7.91 36.78 -6.99
C VAL B 215 -6.45 36.46 -6.64
N ILE B 216 -6.22 35.42 -5.86
CA ILE B 216 -4.90 35.16 -5.29
C ILE B 216 -4.22 33.97 -5.99
N LYS B 217 -2.97 34.19 -6.42
CA LYS B 217 -2.20 33.21 -7.17
C LYS B 217 -0.75 33.19 -6.71
N VAL B 218 -0.11 32.03 -6.79
CA VAL B 218 1.28 31.86 -6.37
C VAL B 218 2.03 31.00 -7.37
N SER B 219 2.19 31.47 -8.62
CA SER B 219 2.99 30.66 -9.53
C SER B 219 4.45 30.85 -9.19
N VAL B 220 5.21 29.76 -9.35
CA VAL B 220 6.38 29.48 -8.54
C VAL B 220 7.52 30.35 -9.06
N ALA B 221 8.40 29.77 -9.88
CA ALA B 221 9.34 30.45 -10.77
C ALA B 221 10.02 31.71 -10.22
N ASP B 222 9.24 32.65 -9.69
CA ASP B 222 9.75 33.89 -9.15
C ASP B 222 9.64 33.97 -7.63
N TRP B 223 8.71 33.21 -7.04
CA TRP B 223 8.41 33.16 -5.62
C TRP B 223 7.58 34.36 -5.18
N LYS B 224 6.67 34.82 -6.02
CA LYS B 224 5.80 35.94 -5.69
C LYS B 224 4.36 35.46 -5.58
N VAL B 225 3.74 35.71 -4.44
CA VAL B 225 2.30 35.57 -4.33
C VAL B 225 1.67 36.90 -4.75
N MET B 226 0.62 36.82 -5.57
CA MET B 226 0.12 37.98 -6.30
C MET B 226 -1.39 37.98 -6.23
N ALA B 227 -2.00 39.12 -5.94
CA ALA B 227 -3.45 39.24 -6.04
C ALA B 227 -3.79 40.01 -7.31
N PHE B 228 -4.56 39.39 -8.21
CA PHE B 228 -5.19 40.13 -9.28
C PHE B 228 -6.60 40.52 -8.84
N SER B 229 -7.43 40.95 -9.78
CA SER B 229 -8.86 41.16 -9.54
C SER B 229 -9.68 40.37 -10.56
N LYS B 230 -10.95 40.13 -10.20
CA LYS B 230 -11.90 39.68 -11.19
C LYS B 230 -12.25 40.82 -12.16
N LYS B 231 -12.33 42.05 -11.65
CA LYS B 231 -12.43 43.22 -12.51
C LYS B 231 -11.19 43.31 -13.39
N GLY B 232 -11.40 43.58 -14.68
CA GLY B 232 -10.34 43.87 -15.64
C GLY B 232 -9.00 43.18 -15.47
N GLY B 233 -8.97 42.11 -14.68
CA GLY B 233 -7.79 41.32 -14.41
C GLY B 233 -6.47 42.05 -14.21
N HIS B 234 -6.43 43.06 -13.34
CA HIS B 234 -5.18 43.77 -13.10
C HIS B 234 -4.56 43.33 -11.79
N LEU B 235 -3.28 43.64 -11.62
CA LEU B 235 -2.56 43.29 -10.39
C LEU B 235 -2.85 44.37 -9.34
N GLU B 236 -3.46 43.95 -8.21
CA GLU B 236 -3.73 44.87 -7.09
C GLU B 236 -2.53 44.98 -6.17
N TRP B 237 -1.87 43.88 -5.88
CA TRP B 237 -0.72 43.88 -4.99
C TRP B 237 0.01 42.57 -5.17
N GLU B 238 1.29 42.56 -4.81
CA GLU B 238 2.09 41.36 -4.97
C GLU B 238 3.21 41.36 -3.93
N TYR B 239 3.40 40.21 -3.29
CA TYR B 239 4.39 40.02 -2.22
C TYR B 239 5.45 39.01 -2.68
N GLN B 240 6.73 39.33 -2.44
CA GLN B 240 7.84 38.54 -2.97
C GLN B 240 8.54 37.77 -1.86
N PHE B 241 9.08 36.60 -2.21
CA PHE B 241 9.62 35.67 -1.23
C PHE B 241 11.08 35.32 -1.51
N CYS B 242 11.75 34.90 -0.43
CA CYS B 242 13.19 34.71 -0.29
C CYS B 242 13.66 33.32 -0.74
N THR B 243 13.03 32.28 -0.21
CA THR B 243 13.14 30.87 -0.60
C THR B 243 11.92 30.48 -1.41
N PRO B 244 11.88 29.28 -2.01
CA PRO B 244 10.76 28.95 -2.89
C PRO B 244 9.47 28.65 -2.13
N ILE B 245 8.36 29.08 -2.71
CA ILE B 245 7.05 28.67 -2.21
C ILE B 245 7.00 27.16 -2.20
N ALA B 246 6.78 26.58 -1.02
CA ALA B 246 6.36 25.19 -1.02
C ALA B 246 4.86 25.06 -1.32
N SER B 247 4.02 25.69 -0.51
CA SER B 247 2.57 25.66 -0.72
C SER B 247 1.96 27.01 -0.33
N ALA B 248 0.64 27.05 -0.27
CA ALA B 248 -0.08 28.32 -0.19
C ALA B 248 -1.58 28.09 -0.03
N TRP B 249 -2.22 28.77 0.91
CA TRP B 249 -3.65 28.58 1.12
C TRP B 249 -4.28 29.92 1.45
N LEU B 250 -5.41 30.24 0.80
CA LEU B 250 -6.25 31.38 1.17
C LEU B 250 -7.29 30.97 2.20
N LEU B 251 -7.55 31.86 3.16
CA LEU B 251 -8.34 31.52 4.34
C LEU B 251 -9.63 32.36 4.49
N LYS B 252 -10.22 32.83 3.37
CA LYS B 252 -11.39 33.71 3.47
C LYS B 252 -12.69 32.94 3.72
N ASP B 253 -13.58 33.56 4.51
CA ASP B 253 -14.90 33.04 4.91
C ASP B 253 -14.82 31.93 5.97
N GLY B 254 -13.70 31.22 6.02
CA GLY B 254 -13.54 30.12 6.94
C GLY B 254 -12.87 28.94 6.26
N LYS B 255 -13.51 28.43 5.21
CA LYS B 255 -13.00 27.28 4.47
C LYS B 255 -11.62 27.57 3.86
N VAL B 256 -10.57 26.92 4.38
CA VAL B 256 -9.24 27.15 3.85
C VAL B 256 -9.23 26.79 2.36
N ILE B 257 -8.89 27.76 1.52
CA ILE B 257 -8.79 27.57 0.07
C ILE B 257 -7.32 27.48 -0.29
N PRO B 258 -6.86 26.38 -0.89
CA PRO B 258 -5.43 26.27 -1.23
C PRO B 258 -5.20 26.94 -2.57
N ILE B 259 -4.34 27.95 -2.61
CA ILE B 259 -3.96 28.46 -3.91
C ILE B 259 -3.06 27.44 -4.59
N SER B 260 -3.34 27.15 -5.85
CA SER B 260 -2.48 26.29 -6.65
C SER B 260 -1.21 27.04 -7.09
N LEU B 261 -0.06 26.38 -6.99
CA LEU B 261 1.16 26.99 -7.54
C LEU B 261 1.45 26.56 -8.98
N PHE B 262 0.62 25.69 -9.53
CA PHE B 262 0.47 25.60 -10.97
C PHE B 262 -0.83 26.29 -11.35
N GLU B 278 -7.95 17.57 -33.06
CA GLU B 278 -6.62 17.66 -32.46
C GLU B 278 -6.25 19.06 -31.96
N ASP B 279 -7.25 19.91 -31.69
CA ASP B 279 -7.00 21.21 -31.08
C ASP B 279 -6.96 21.15 -29.56
N ILE B 280 -6.95 19.95 -28.98
CA ILE B 280 -7.03 19.71 -27.53
C ILE B 280 -5.82 18.87 -27.12
N VAL B 281 -5.34 18.08 -28.07
CA VAL B 281 -4.26 17.14 -27.81
C VAL B 281 -2.98 17.88 -27.41
N GLU B 282 -2.90 19.18 -27.73
CA GLU B 282 -1.91 20.07 -27.16
C GLU B 282 -2.50 21.07 -26.17
N ALA B 283 -3.79 21.40 -26.28
CA ALA B 283 -4.45 22.10 -25.18
C ALA B 283 -4.29 21.33 -23.88
N ALA B 284 -4.46 20.00 -23.96
CA ALA B 284 -4.29 19.10 -22.83
C ALA B 284 -2.86 18.65 -22.67
N ARG B 285 -2.03 18.75 -23.71
CA ARG B 285 -0.59 18.57 -23.46
C ARG B 285 -0.05 19.74 -22.65
N GLY B 286 -0.37 20.97 -23.08
CA GLY B 286 -0.04 22.17 -22.31
C GLY B 286 -0.19 21.99 -20.82
N ALA B 287 -1.39 21.56 -20.38
CA ALA B 287 -1.66 21.28 -18.96
C ALA B 287 -0.60 20.37 -18.33
N THR B 288 -0.07 19.39 -19.10
CA THR B 288 0.77 18.35 -18.49
C THR B 288 2.21 18.80 -18.28
N GLU B 289 2.78 19.57 -19.22
CA GLU B 289 4.06 20.23 -18.96
C GLU B 289 3.90 21.50 -18.13
N ASN B 290 2.66 22.02 -18.00
CA ASN B 290 2.43 23.11 -17.05
C ASN B 290 2.58 22.63 -15.62
N SER B 291 2.13 21.41 -15.32
CA SER B 291 1.91 21.00 -13.94
C SER B 291 3.01 20.06 -13.44
N VAL B 292 4.25 20.55 -13.58
CA VAL B 292 5.48 20.06 -12.92
C VAL B 292 6.42 21.24 -12.74
N TYR B 293 6.94 21.45 -11.53
CA TYR B 293 7.92 22.48 -11.24
C TYR B 293 9.22 21.80 -10.79
N LEU B 294 10.30 21.99 -11.54
CA LEU B 294 11.60 21.43 -11.15
C LEU B 294 12.54 22.59 -10.78
N GLY B 295 12.40 23.09 -9.56
CA GLY B 295 13.30 24.07 -9.00
C GLY B 295 14.45 23.47 -8.21
N MET B 296 14.98 24.28 -7.29
CA MET B 296 16.14 23.98 -6.46
C MET B 296 16.23 24.99 -5.32
N TYR B 297 16.55 24.50 -4.12
CA TYR B 297 16.66 25.37 -2.94
C TYR B 297 17.91 24.97 -2.17
N ARG B 298 18.53 25.96 -1.51
CA ARG B 298 19.77 25.82 -0.72
C ARG B 298 20.79 24.88 -1.38
N GLY B 299 20.98 25.07 -2.69
CA GLY B 299 21.77 24.17 -3.49
C GLY B 299 21.09 22.88 -3.86
N GLN B 300 20.03 22.50 -3.15
CA GLN B 300 19.40 21.20 -3.33
C GLN B 300 18.53 21.18 -4.57
N LEU B 301 18.64 20.12 -5.38
CA LEU B 301 17.82 19.95 -6.57
C LEU B 301 16.64 19.07 -6.21
N TYR B 302 15.43 19.69 -6.16
CA TYR B 302 14.15 19.08 -5.80
C TYR B 302 13.10 19.40 -6.87
N LEU B 303 11.96 18.71 -6.85
CA LEU B 303 10.94 19.05 -7.83
C LEU B 303 9.54 18.72 -7.32
N GLN B 304 8.58 19.57 -7.71
CA GLN B 304 7.18 19.45 -7.35
C GLN B 304 6.35 19.12 -8.59
N SER B 305 5.04 19.04 -8.38
CA SER B 305 4.08 18.79 -9.45
C SER B 305 2.69 18.82 -8.85
N SER B 306 1.73 18.29 -9.61
CA SER B 306 0.48 17.79 -9.10
C SER B 306 0.15 16.52 -9.93
N SER C 10 -37.28 -11.74 5.26
CA SER C 10 -36.62 -12.41 6.38
C SER C 10 -36.00 -13.72 5.95
N LEU C 11 -34.74 -13.63 5.53
CA LEU C 11 -34.02 -14.71 4.88
C LEU C 11 -32.81 -15.14 5.72
N VAL C 12 -32.20 -16.26 5.35
CA VAL C 12 -30.86 -16.61 5.79
C VAL C 12 -30.05 -17.06 4.58
N ILE C 13 -28.82 -16.56 4.45
CA ILE C 13 -27.97 -16.84 3.29
C ILE C 13 -26.64 -17.48 3.71
N ILE C 14 -26.30 -18.61 3.10
CA ILE C 14 -25.06 -19.36 3.40
C ILE C 14 -24.20 -19.51 2.14
N SER C 15 -23.11 -18.75 2.06
CA SER C 15 -22.05 -19.01 1.08
C SER C 15 -21.08 -20.08 1.59
N THR C 16 -20.90 -21.11 0.79
CA THR C 16 -20.15 -22.29 1.17
C THR C 16 -18.96 -22.52 0.25
N LEU C 17 -18.09 -23.45 0.65
CA LEU C 17 -16.80 -23.63 0.02
C LEU C 17 -16.88 -24.37 -1.33
N ASP C 18 -18.05 -24.50 -1.90
CA ASP C 18 -18.26 -25.03 -3.25
C ASP C 18 -18.73 -23.96 -4.24
N GLY C 19 -18.50 -22.67 -3.92
CA GLY C 19 -18.90 -21.56 -4.78
C GLY C 19 -20.39 -21.35 -4.96
N ARG C 20 -21.21 -22.03 -4.19
CA ARG C 20 -22.65 -21.87 -4.24
C ARG C 20 -23.14 -21.13 -3.02
N ILE C 21 -24.14 -20.29 -3.18
CA ILE C 21 -24.84 -19.73 -2.03
C ILE C 21 -26.22 -20.38 -1.99
N ALA C 22 -26.91 -20.20 -0.87
CA ALA C 22 -28.29 -20.66 -0.80
C ALA C 22 -29.07 -19.82 0.20
N ALA C 23 -30.38 -19.73 -0.04
CA ALA C 23 -31.27 -18.98 0.84
C ALA C 23 -32.21 -19.98 1.50
N LEU C 24 -32.20 -20.05 2.83
CA LEU C 24 -33.14 -20.91 3.53
C LEU C 24 -34.00 -20.12 4.51
N ASP C 25 -35.18 -20.69 4.88
CA ASP C 25 -36.02 -20.25 6.01
C ASP C 25 -36.87 -19.04 5.69
N PRO C 26 -38.02 -19.21 5.05
CA PRO C 26 -38.94 -18.08 4.88
C PRO C 26 -39.65 -17.79 6.20
N GLU C 27 -38.82 -17.39 7.18
CA GLU C 27 -39.09 -17.08 8.59
C GLU C 27 -39.63 -18.26 9.40
N ASN C 28 -40.52 -19.08 8.84
CA ASN C 28 -41.03 -20.25 9.57
C ASN C 28 -40.52 -21.58 9.02
N HIS C 29 -40.56 -21.77 7.71
CA HIS C 29 -40.22 -23.05 7.11
C HIS C 29 -38.84 -23.56 7.51
N GLY C 30 -37.79 -22.98 6.90
CA GLY C 30 -36.47 -23.58 6.82
C GLY C 30 -36.14 -24.13 5.45
N LYS C 31 -37.07 -24.01 4.50
CA LYS C 31 -36.92 -24.63 3.19
C LYS C 31 -36.11 -23.70 2.30
N LYS C 32 -35.07 -24.24 1.65
CA LYS C 32 -34.25 -23.33 0.85
C LYS C 32 -35.04 -22.95 -0.40
N GLN C 33 -35.26 -21.64 -0.55
CA GLN C 33 -36.11 -21.07 -1.59
C GLN C 33 -35.41 -20.86 -2.94
N TRP C 34 -34.09 -21.03 -3.02
CA TRP C 34 -33.33 -20.97 -4.27
C TRP C 34 -31.83 -21.07 -3.98
N ASP C 35 -31.02 -21.54 -4.93
CA ASP C 35 -29.59 -21.62 -4.63
C ASP C 35 -28.81 -21.56 -5.94
N LEU C 36 -28.09 -20.44 -6.13
CA LEU C 36 -27.36 -20.17 -7.36
C LEU C 36 -25.91 -20.57 -7.12
N ASP C 37 -25.24 -21.07 -8.16
CA ASP C 37 -23.79 -21.24 -8.12
C ASP C 37 -23.15 -20.45 -9.27
N VAL C 38 -22.02 -19.82 -8.98
CA VAL C 38 -21.26 -19.06 -9.97
C VAL C 38 -19.78 -19.48 -9.99
N GLY C 39 -19.22 -19.56 -11.20
CA GLY C 39 -17.82 -19.93 -11.32
C GLY C 39 -16.87 -18.77 -11.00
N SER C 40 -15.63 -19.09 -10.63
CA SER C 40 -15.15 -20.46 -10.60
C SER C 40 -15.61 -21.28 -9.41
N GLY C 41 -16.30 -22.36 -9.77
CA GLY C 41 -16.31 -23.57 -8.97
C GLY C 41 -16.27 -23.32 -7.48
N SER C 42 -15.12 -23.56 -6.87
CA SER C 42 -14.99 -23.58 -5.43
C SER C 42 -14.40 -22.28 -4.90
N LEU C 43 -14.48 -22.13 -3.57
CA LEU C 43 -14.06 -20.99 -2.80
C LEU C 43 -12.62 -21.06 -2.35
N VAL C 44 -11.99 -22.22 -2.50
CA VAL C 44 -10.59 -22.48 -2.16
C VAL C 44 -9.97 -23.58 -3.02
N SER C 45 -8.76 -23.30 -3.54
CA SER C 45 -7.90 -24.28 -4.19
C SER C 45 -6.50 -24.25 -3.60
N SER C 46 -5.82 -25.38 -3.72
CA SER C 46 -4.47 -25.57 -3.19
C SER C 46 -3.90 -26.79 -3.91
N SER C 47 -2.71 -26.67 -4.48
CA SER C 47 -2.10 -27.86 -5.06
C SER C 47 -0.59 -28.10 -4.81
N LEU C 48 -0.16 -28.82 -3.75
CA LEU C 48 -0.89 -29.12 -2.50
C LEU C 48 -2.24 -29.89 -2.65
N LYS C 57 6.33 -29.57 5.33
CA LYS C 57 6.25 -28.18 4.84
C LYS C 57 4.94 -27.82 4.09
N MET C 58 3.79 -27.84 4.77
CA MET C 58 2.52 -27.45 4.14
C MET C 58 2.27 -25.96 4.33
N ILE C 59 1.77 -25.33 3.27
CA ILE C 59 1.59 -23.89 3.19
C ILE C 59 0.13 -23.68 2.90
N ILE C 60 -0.62 -23.11 3.84
CA ILE C 60 -2.08 -23.20 3.88
C ILE C 60 -2.68 -21.81 3.74
N PRO C 61 -3.58 -21.61 2.79
CA PRO C 61 -4.10 -20.28 2.54
C PRO C 61 -5.25 -19.92 3.47
N SER C 62 -5.38 -18.61 3.68
CA SER C 62 -6.57 -17.95 4.16
C SER C 62 -7.61 -17.91 3.04
N LEU C 63 -8.85 -17.75 3.41
CA LEU C 63 -9.82 -17.29 2.37
C LEU C 63 -9.52 -15.89 1.85
N ASP C 64 -8.36 -15.31 2.15
CA ASP C 64 -8.10 -13.87 1.93
C ASP C 64 -7.37 -13.48 0.64
N GLY C 65 -6.27 -14.11 0.28
CA GLY C 65 -5.60 -15.18 1.00
C GLY C 65 -4.18 -14.96 1.51
N ALA C 66 -4.02 -14.62 2.78
CA ALA C 66 -2.69 -14.68 3.33
C ALA C 66 -2.19 -16.12 3.26
N LEU C 67 -0.86 -16.29 3.38
CA LEU C 67 -0.29 -17.62 3.26
C LEU C 67 0.53 -17.94 4.48
N PHE C 68 0.39 -19.17 4.94
CA PHE C 68 0.90 -19.64 6.21
C PHE C 68 1.61 -20.95 5.97
N GLN C 69 2.66 -21.19 6.74
CA GLN C 69 3.34 -22.47 6.73
C GLN C 69 3.43 -23.02 8.15
N TRP C 70 2.96 -24.25 8.36
CA TRP C 70 3.19 -24.98 9.59
C TRP C 70 4.02 -26.20 9.26
N ASP C 71 4.93 -26.56 10.16
CA ASP C 71 5.57 -27.87 10.10
C ASP C 71 5.34 -28.62 11.41
N GLN C 72 4.86 -29.87 11.30
CA GLN C 72 4.70 -30.72 12.48
C GLN C 72 6.04 -31.00 13.17
N ASP C 73 7.16 -30.70 12.51
CA ASP C 73 8.46 -30.69 13.18
C ASP C 73 8.52 -29.59 14.21
N ARG C 74 7.86 -28.47 13.94
CA ARG C 74 7.56 -27.47 14.95
C ARG C 74 6.15 -27.68 15.51
N GLU C 75 5.76 -26.84 16.47
CA GLU C 75 4.37 -26.77 16.89
C GLU C 75 3.71 -25.47 16.46
N SER C 76 4.44 -24.60 15.76
CA SER C 76 3.95 -23.26 15.45
C SER C 76 3.49 -23.17 14.01
N MET C 77 2.48 -22.32 13.83
CA MET C 77 1.95 -21.85 12.55
C MET C 77 2.61 -20.50 12.25
N GLU C 78 3.59 -20.49 11.35
CA GLU C 78 4.15 -19.20 10.95
C GLU C 78 3.48 -18.73 9.65
N THR C 79 3.35 -17.41 9.50
CA THR C 79 2.85 -16.82 8.26
C THR C 79 4.02 -16.48 7.34
N VAL C 80 3.76 -16.50 6.02
CA VAL C 80 4.81 -16.29 5.02
C VAL C 80 4.76 -14.84 4.52
N PRO C 81 5.84 -14.30 3.91
CA PRO C 81 5.85 -12.85 3.58
C PRO C 81 5.10 -12.45 2.31
N PHE C 82 4.25 -13.33 1.78
CA PHE C 82 3.55 -13.03 0.55
C PHE C 82 2.12 -13.50 0.68
N THR C 83 1.24 -12.82 -0.04
CA THR C 83 -0.17 -13.16 -0.12
C THR C 83 -0.48 -13.46 -1.59
N VAL C 84 -1.62 -14.08 -1.84
CA VAL C 84 -2.00 -14.45 -3.21
C VAL C 84 -1.93 -13.24 -4.15
N GLU C 85 -1.65 -12.05 -3.61
CA GLU C 85 -1.63 -10.82 -4.39
C GLU C 85 -0.26 -10.18 -4.48
N SER C 86 0.50 -10.14 -3.38
CA SER C 86 1.85 -9.59 -3.44
C SER C 86 2.73 -10.37 -4.38
N LEU C 87 2.43 -11.63 -4.62
CA LEU C 87 3.22 -12.42 -5.56
C LEU C 87 2.69 -12.33 -6.98
N LEU C 88 1.44 -11.91 -7.16
CA LEU C 88 0.96 -11.68 -8.51
C LEU C 88 1.89 -10.71 -9.24
N GLU C 89 2.35 -9.67 -8.54
CA GLU C 89 3.45 -8.78 -8.94
C GLU C 89 4.80 -9.44 -8.61
N SER C 90 5.08 -10.56 -9.28
CA SER C 90 6.05 -11.60 -8.83
C SER C 90 6.70 -11.34 -7.47
N VAL C 98 10.54 -19.91 -11.76
CA VAL C 98 9.09 -19.80 -11.66
C VAL C 98 8.50 -18.53 -12.26
N VAL C 99 7.56 -18.69 -13.17
CA VAL C 99 6.79 -17.56 -13.66
C VAL C 99 5.35 -17.64 -13.12
N LEU C 100 4.90 -16.56 -12.49
CA LEU C 100 3.63 -16.62 -11.79
C LEU C 100 2.55 -15.94 -12.61
N VAL C 101 1.39 -16.59 -12.72
CA VAL C 101 0.27 -16.10 -13.50
C VAL C 101 -0.92 -15.95 -12.56
N GLY C 102 -1.90 -15.11 -12.91
CA GLY C 102 -3.05 -15.03 -12.02
C GLY C 102 -3.97 -13.85 -12.30
N GLY C 103 -4.79 -13.55 -11.30
CA GLY C 103 -5.70 -12.45 -11.43
C GLY C 103 -6.84 -12.36 -10.45
N LYS C 104 -6.86 -11.30 -9.62
CA LYS C 104 -8.04 -10.89 -8.86
C LYS C 104 -9.23 -10.53 -9.74
N SER C 105 -10.40 -11.09 -9.45
CA SER C 105 -11.66 -10.65 -10.06
C SER C 105 -12.61 -10.01 -9.03
N LEU C 106 -13.66 -9.35 -9.55
CA LEU C 106 -14.78 -8.76 -8.79
C LEU C 106 -15.96 -8.76 -9.73
N THR C 107 -16.93 -9.61 -9.47
CA THR C 107 -18.10 -9.75 -10.31
C THR C 107 -19.32 -9.59 -9.42
N THR C 108 -20.37 -8.93 -9.90
CA THR C 108 -21.55 -8.77 -9.07
C THR C 108 -22.74 -9.47 -9.74
N TYR C 109 -23.60 -10.08 -8.91
CA TYR C 109 -24.81 -10.78 -9.36
C TYR C 109 -26.02 -10.17 -8.65
N GLY C 110 -26.84 -9.49 -9.42
CA GLY C 110 -28.09 -8.91 -8.98
C GLY C 110 -29.29 -9.80 -9.13
N LEU C 111 -29.89 -10.23 -8.03
CA LEU C 111 -31.14 -10.99 -8.05
C LEU C 111 -32.13 -10.43 -7.02
N SER C 112 -33.39 -10.80 -7.14
CA SER C 112 -34.42 -10.18 -6.29
C SER C 112 -34.55 -10.94 -4.97
N ALA C 113 -34.63 -10.16 -3.89
CA ALA C 113 -34.39 -10.58 -2.51
C ALA C 113 -34.87 -11.97 -2.18
N TYR C 114 -35.90 -12.44 -2.89
CA TYR C 114 -36.60 -13.69 -2.66
C TYR C 114 -36.93 -14.30 -4.01
N SER C 115 -36.88 -15.64 -4.08
CA SER C 115 -36.98 -16.43 -5.32
C SER C 115 -35.62 -16.53 -5.97
N GLY C 116 -34.73 -15.61 -5.59
CA GLY C 116 -33.46 -15.48 -6.29
C GLY C 116 -33.80 -15.00 -7.69
N LYS C 117 -33.17 -15.65 -8.68
CA LYS C 117 -33.27 -15.31 -10.09
C LYS C 117 -32.50 -14.01 -10.36
N VAL C 118 -31.37 -14.16 -11.04
CA VAL C 118 -30.44 -13.08 -11.27
C VAL C 118 -31.08 -12.06 -12.20
N ARG C 119 -31.02 -10.77 -11.83
CA ARG C 119 -31.51 -9.70 -12.70
C ARG C 119 -30.42 -9.05 -13.55
N TYR C 120 -29.29 -8.66 -12.94
CA TYR C 120 -28.09 -8.28 -13.69
C TYR C 120 -26.91 -9.17 -13.33
N ILE C 121 -25.85 -9.08 -14.15
CA ILE C 121 -24.54 -9.64 -13.86
C ILE C 121 -23.54 -8.70 -14.50
N CYS C 122 -22.68 -8.07 -13.69
CA CYS C 122 -21.63 -7.19 -14.18
C CYS C 122 -20.30 -7.77 -13.70
N SER C 123 -19.61 -8.50 -14.57
CA SER C 123 -18.22 -8.91 -14.34
C SER C 123 -17.29 -7.92 -15.03
N ALA C 124 -16.00 -8.26 -15.17
CA ALA C 124 -15.10 -7.38 -15.90
C ALA C 124 -15.46 -7.26 -17.36
N LEU C 125 -16.16 -8.26 -17.90
CA LEU C 125 -16.68 -8.22 -19.27
C LEU C 125 -18.13 -7.77 -19.21
N GLY C 126 -18.32 -6.46 -19.08
CA GLY C 126 -19.64 -5.88 -19.36
C GLY C 126 -20.73 -6.34 -18.41
N CYS C 127 -21.92 -5.78 -18.62
CA CYS C 127 -23.09 -6.09 -17.81
C CYS C 127 -24.06 -6.95 -18.61
N ARG C 128 -24.77 -7.81 -17.90
CA ARG C 128 -25.85 -8.58 -18.49
C ARG C 128 -27.13 -8.24 -17.73
N GLN C 129 -28.24 -8.86 -18.14
CA GLN C 129 -29.58 -8.48 -17.71
C GLN C 129 -30.48 -9.73 -17.98
N TRP C 130 -31.80 -9.72 -17.72
CA TRP C 130 -32.62 -8.58 -17.31
C TRP C 130 -33.50 -8.83 -16.09
N LEU C 142 -31.21 -7.44 -4.08
CA LEU C 142 -30.16 -8.02 -3.25
C LEU C 142 -28.92 -8.42 -4.04
N LEU C 143 -27.78 -7.77 -3.82
CA LEU C 143 -26.61 -7.87 -4.70
C LEU C 143 -25.49 -8.74 -4.08
N LEU C 144 -25.08 -9.80 -4.83
CA LEU C 144 -24.16 -10.83 -4.34
C LEU C 144 -22.80 -10.62 -5.00
N GLN C 145 -21.89 -10.01 -4.24
CA GLN C 145 -20.62 -9.53 -4.77
C GLN C 145 -19.54 -10.55 -4.49
N ARG C 146 -18.98 -11.15 -5.53
CA ARG C 146 -17.93 -12.12 -5.28
C ARG C 146 -16.57 -11.57 -5.69
N THR C 147 -15.61 -11.70 -4.79
CA THR C 147 -14.19 -11.42 -5.05
C THR C 147 -13.45 -12.76 -5.13
N GLN C 148 -12.37 -12.77 -5.89
CA GLN C 148 -11.67 -14.03 -6.20
C GLN C 148 -10.22 -13.73 -6.61
N LYS C 149 -9.25 -14.24 -5.87
CA LYS C 149 -7.88 -14.24 -6.33
C LYS C 149 -7.40 -15.65 -6.64
N THR C 150 -6.72 -15.80 -7.78
CA THR C 150 -6.00 -16.99 -8.20
C THR C 150 -4.57 -16.67 -8.56
N VAL C 151 -3.70 -17.66 -8.43
CA VAL C 151 -2.33 -17.55 -8.90
C VAL C 151 -1.85 -18.95 -9.26
N ARG C 152 -1.22 -19.07 -10.41
CA ARG C 152 -0.55 -20.30 -10.79
C ARG C 152 0.93 -20.01 -10.74
N ALA C 153 1.71 -21.07 -10.82
CA ALA C 153 3.15 -20.97 -10.99
C ALA C 153 3.51 -21.95 -12.09
N VAL C 154 4.04 -21.44 -13.18
CA VAL C 154 4.37 -22.30 -14.30
C VAL C 154 5.87 -22.30 -14.57
N GLY C 155 6.31 -23.20 -15.46
CA GLY C 155 7.68 -23.24 -15.85
C GLY C 155 7.88 -22.16 -16.87
N PRO C 156 9.01 -21.41 -16.81
CA PRO C 156 9.26 -20.40 -17.84
C PRO C 156 9.38 -21.03 -19.23
N ARG C 157 10.41 -21.82 -19.50
CA ARG C 157 10.59 -22.35 -20.84
C ARG C 157 9.42 -23.25 -21.26
N SER C 158 8.87 -24.01 -20.32
CA SER C 158 7.75 -24.93 -20.58
C SER C 158 6.53 -24.46 -19.82
N GLY C 159 5.41 -24.25 -20.50
CA GLY C 159 4.31 -23.62 -19.79
C GLY C 159 3.63 -24.45 -18.73
N ASN C 160 4.40 -25.35 -18.08
CA ASN C 160 3.90 -26.33 -17.13
C ASN C 160 3.98 -25.82 -15.71
N GLU C 161 3.27 -26.53 -14.83
CA GLU C 161 2.76 -26.10 -13.52
C GLU C 161 2.87 -27.32 -12.57
N LYS C 162 3.29 -27.26 -11.28
CA LYS C 162 3.83 -26.14 -10.44
C LYS C 162 2.68 -25.31 -9.84
N TRP C 163 2.72 -25.05 -8.52
CA TRP C 163 1.52 -24.93 -7.67
C TRP C 163 0.49 -23.87 -8.13
N ASN C 164 -0.67 -23.92 -7.48
CA ASN C 164 -1.63 -22.83 -7.58
C ASN C 164 -2.20 -22.49 -6.21
N PHE C 165 -3.04 -21.46 -6.24
CA PHE C 165 -3.76 -20.90 -5.12
C PHE C 165 -4.93 -20.16 -5.76
N SER C 166 -6.15 -20.62 -5.55
CA SER C 166 -7.31 -19.80 -5.84
C SER C 166 -8.11 -19.72 -4.56
N VAL C 167 -8.34 -18.50 -4.07
CA VAL C 167 -9.13 -18.23 -2.88
C VAL C 167 -10.08 -17.09 -3.20
N GLY C 168 -11.32 -17.21 -2.72
CA GLY C 168 -12.34 -16.17 -2.84
C GLY C 168 -13.39 -16.22 -1.75
N HIS C 169 -14.41 -15.39 -1.87
CA HIS C 169 -15.42 -15.24 -0.84
C HIS C 169 -16.49 -14.27 -1.34
N PHE C 170 -17.59 -14.18 -0.58
CA PHE C 170 -18.82 -13.51 -0.98
C PHE C 170 -19.17 -12.36 -0.04
N GLU C 171 -19.73 -11.32 -0.64
CA GLU C 171 -20.37 -10.26 0.10
C GLU C 171 -21.68 -9.93 -0.58
N LEU C 172 -22.58 -9.35 0.20
CA LEU C 172 -23.90 -8.97 -0.27
C LEU C 172 -24.46 -7.90 0.66
N ARG C 173 -25.18 -6.95 0.06
CA ARG C 173 -26.10 -6.04 0.78
C ARG C 173 -27.41 -6.01 -0.02
N TYR C 174 -28.34 -5.10 0.31
CA TYR C 174 -29.56 -4.93 -0.53
C TYR C 174 -30.18 -3.62 -0.04
N ILE C 175 -31.15 -2.97 -0.70
CA ILE C 175 -31.84 -3.38 -1.91
C ILE C 175 -30.98 -2.94 -3.07
N VAL C 215 -32.01 -16.61 17.08
CA VAL C 215 -31.99 -18.07 17.12
C VAL C 215 -31.23 -18.65 15.91
N ILE C 216 -30.96 -17.77 14.94
CA ILE C 216 -29.95 -17.96 13.89
C ILE C 216 -28.62 -18.47 14.43
N LYS C 217 -28.19 -19.67 14.05
CA LYS C 217 -26.84 -20.03 14.49
C LYS C 217 -26.13 -20.99 13.52
N VAL C 218 -24.81 -20.79 13.36
CA VAL C 218 -23.97 -21.75 12.66
C VAL C 218 -22.89 -22.30 13.59
N SER C 219 -22.67 -23.61 13.49
CA SER C 219 -21.52 -24.30 14.07
C SER C 219 -20.66 -24.89 12.94
N VAL C 220 -20.01 -24.01 12.14
CA VAL C 220 -19.26 -24.32 10.89
C VAL C 220 -18.60 -25.70 10.82
N ALA C 221 -18.06 -26.19 11.96
CA ALA C 221 -17.46 -27.52 11.98
C ALA C 221 -18.51 -28.59 11.76
N ASP C 222 -19.75 -28.38 12.21
CA ASP C 222 -20.88 -29.20 11.79
C ASP C 222 -21.55 -28.34 10.71
N TRP C 223 -21.44 -28.76 9.46
CA TRP C 223 -21.64 -27.81 8.37
C TRP C 223 -23.07 -27.30 8.22
N LYS C 224 -23.68 -26.93 9.33
CA LYS C 224 -25.09 -26.63 9.28
C LYS C 224 -25.34 -25.31 9.97
N VAL C 225 -26.41 -24.67 9.50
CA VAL C 225 -27.13 -23.68 10.28
C VAL C 225 -28.11 -24.43 11.16
N MET C 226 -28.42 -23.84 12.30
CA MET C 226 -29.47 -24.35 13.15
C MET C 226 -30.56 -23.28 13.24
N ALA C 227 -31.47 -23.35 14.23
CA ALA C 227 -32.54 -22.36 14.35
C ALA C 227 -32.88 -22.00 15.81
N GLU C 236 -35.64 -26.13 17.29
CA GLU C 236 -36.56 -26.30 16.18
C GLU C 236 -35.95 -27.12 15.04
N TRP C 237 -35.15 -26.50 14.15
CA TRP C 237 -34.65 -27.22 12.98
C TRP C 237 -33.19 -26.87 12.69
N GLU C 238 -32.60 -27.57 11.70
CA GLU C 238 -31.23 -27.38 11.27
C GLU C 238 -31.00 -27.95 9.87
N TYR C 239 -30.10 -27.34 9.10
CA TYR C 239 -29.83 -27.68 7.68
C TYR C 239 -28.36 -27.92 7.43
N GLN C 240 -27.95 -29.17 7.23
CA GLN C 240 -26.52 -29.49 7.07
C GLN C 240 -26.10 -29.38 5.59
N PHE C 241 -25.13 -28.52 5.34
CA PHE C 241 -24.59 -28.32 4.00
C PHE C 241 -23.36 -29.21 3.78
N CYS C 242 -23.00 -29.33 2.51
CA CYS C 242 -21.71 -29.85 2.05
C CYS C 242 -21.31 -29.03 0.80
N THR C 243 -20.21 -28.31 0.85
CA THR C 243 -19.11 -28.57 1.74
C THR C 243 -19.14 -27.43 2.81
N PRO C 244 -18.10 -27.24 3.68
CA PRO C 244 -18.34 -26.43 4.89
C PRO C 244 -18.76 -25.02 4.55
N ILE C 245 -19.50 -24.44 5.43
CA ILE C 245 -20.09 -23.15 5.12
C ILE C 245 -19.20 -22.05 5.64
N ALA C 246 -19.17 -20.91 4.92
CA ALA C 246 -18.14 -19.88 5.09
C ALA C 246 -18.67 -18.59 5.69
N SER C 247 -19.65 -17.96 5.06
CA SER C 247 -20.31 -16.79 5.61
C SER C 247 -21.75 -17.18 5.89
N ALA C 248 -22.45 -16.38 6.70
CA ALA C 248 -23.86 -16.65 6.93
C ALA C 248 -24.52 -15.31 7.23
N TRP C 249 -25.18 -14.76 6.22
CA TRP C 249 -25.95 -13.52 6.31
C TRP C 249 -27.42 -13.85 6.58
N LEU C 250 -28.03 -13.15 7.55
CA LEU C 250 -29.47 -13.26 7.74
C LEU C 250 -30.14 -11.97 7.30
N LEU C 251 -31.26 -12.08 6.63
CA LEU C 251 -32.05 -10.93 6.30
C LEU C 251 -33.20 -10.90 7.28
N LYS C 252 -33.52 -9.71 7.78
CA LYS C 252 -34.71 -9.51 8.58
C LYS C 252 -34.95 -8.02 8.60
N ASP C 253 -36.16 -7.61 8.22
CA ASP C 253 -36.50 -6.21 7.94
C ASP C 253 -35.65 -5.83 6.74
N GLY C 254 -34.97 -4.68 6.76
CA GLY C 254 -34.24 -4.25 5.59
C GLY C 254 -32.77 -4.29 5.87
N LYS C 255 -32.35 -5.22 6.71
CA LYS C 255 -30.96 -5.31 7.14
C LYS C 255 -30.39 -6.67 6.81
N VAL C 256 -29.08 -6.68 6.58
CA VAL C 256 -28.31 -7.89 6.30
C VAL C 256 -27.30 -8.01 7.43
N ILE C 257 -27.53 -8.89 8.39
CA ILE C 257 -26.62 -9.05 9.54
C ILE C 257 -25.95 -10.41 9.44
N PRO C 258 -24.62 -10.49 9.54
CA PRO C 258 -23.94 -11.78 9.58
C PRO C 258 -23.76 -12.38 10.98
N ILE C 259 -23.58 -13.71 11.01
CA ILE C 259 -23.11 -14.41 12.21
C ILE C 259 -21.97 -15.36 11.83
N SER C 260 -21.19 -15.72 12.83
CA SER C 260 -19.93 -16.41 12.58
C SER C 260 -20.05 -17.92 12.48
N ILE C 280 -11.14 -12.20 32.80
CA ILE C 280 -9.76 -11.73 32.91
C ILE C 280 -9.05 -12.04 31.58
N VAL C 281 -7.74 -11.73 31.50
CA VAL C 281 -6.91 -12.07 30.34
C VAL C 281 -7.16 -13.51 29.89
N GLU C 282 -7.33 -14.45 30.83
CA GLU C 282 -7.57 -15.84 30.46
C GLU C 282 -8.80 -15.98 29.57
N ALA C 283 -9.89 -15.23 29.88
CA ALA C 283 -11.10 -15.26 29.05
C ALA C 283 -10.85 -14.56 27.71
N ALA C 284 -10.01 -13.52 27.72
CA ALA C 284 -9.52 -12.90 26.50
C ALA C 284 -8.61 -13.86 25.74
N ARG C 285 -7.70 -14.53 26.47
CA ARG C 285 -6.96 -15.65 25.91
C ARG C 285 -7.90 -16.62 25.23
N GLY C 286 -9.15 -16.68 25.70
CA GLY C 286 -10.13 -17.56 25.08
C GLY C 286 -10.66 -17.05 23.76
N ALA C 287 -10.75 -15.73 23.60
CA ALA C 287 -11.35 -15.23 22.39
C ALA C 287 -10.44 -15.34 21.18
N THR C 288 -9.17 -15.71 21.34
CA THR C 288 -8.32 -15.83 20.17
C THR C 288 -8.22 -17.25 19.63
N GLU C 289 -8.24 -18.26 20.49
CA GLU C 289 -8.25 -19.61 19.93
C GLU C 289 -9.60 -19.93 19.35
N ASN C 290 -10.58 -19.08 19.63
CA ASN C 290 -11.90 -19.22 19.06
C ASN C 290 -12.14 -18.22 17.94
N SER C 291 -11.15 -17.38 17.63
CA SER C 291 -11.23 -16.42 16.55
C SER C 291 -10.86 -17.05 15.22
N VAL C 292 -9.89 -17.98 15.23
CA VAL C 292 -9.41 -18.72 14.06
C VAL C 292 -10.06 -20.11 14.06
N TYR C 293 -10.30 -20.62 12.85
CA TYR C 293 -10.78 -21.97 12.61
C TYR C 293 -9.91 -22.56 11.50
N LEU C 294 -9.43 -23.78 11.68
CA LEU C 294 -8.70 -24.46 10.62
C LEU C 294 -9.61 -25.49 9.96
N GLY C 295 -9.79 -25.35 8.65
CA GLY C 295 -10.73 -26.21 8.00
C GLY C 295 -10.09 -27.13 7.01
N MET C 296 -10.93 -27.78 6.22
CA MET C 296 -10.53 -28.73 5.20
C MET C 296 -11.59 -28.69 4.11
N TYR C 297 -11.15 -28.77 2.86
CA TYR C 297 -12.02 -28.89 1.67
C TYR C 297 -11.06 -28.91 0.47
N ARG C 298 -11.09 -29.93 -0.38
CA ARG C 298 -12.01 -31.05 -0.29
C ARG C 298 -11.56 -32.10 0.75
N GLY C 299 -10.28 -32.51 0.81
CA GLY C 299 -9.21 -32.20 -0.12
C GLY C 299 -8.07 -31.43 0.54
N GLN C 300 -8.12 -30.11 0.49
CA GLN C 300 -7.06 -29.27 1.03
C GLN C 300 -7.47 -28.56 2.32
N LEU C 301 -6.46 -28.13 3.07
CA LEU C 301 -6.62 -27.33 4.29
C LEU C 301 -6.76 -25.85 3.95
N TYR C 302 -7.31 -25.09 4.89
CA TYR C 302 -7.50 -23.64 4.74
C TYR C 302 -7.64 -22.99 6.11
N LEU C 303 -7.65 -21.66 6.12
CA LEU C 303 -7.73 -20.90 7.36
C LEU C 303 -8.89 -19.90 7.32
N GLN C 304 -9.27 -19.44 8.52
CA GLN C 304 -10.39 -18.54 8.74
C GLN C 304 -10.16 -17.57 9.89
N SER C 305 -10.83 -16.41 9.83
CA SER C 305 -10.82 -15.44 10.91
C SER C 305 -12.23 -14.95 11.23
N SER C 306 -12.50 -14.82 12.54
CA SER C 306 -13.73 -14.29 13.17
C SER C 306 -15.10 -14.52 12.44
N VAL C 307 -15.60 -15.77 12.41
CA VAL C 307 -15.24 -16.95 13.25
C VAL C 307 -15.22 -16.69 14.76
N SER D 10 18.83 -10.02 -32.25
CA SER D 10 18.20 -10.04 -33.55
C SER D 10 17.05 -9.03 -33.64
N LEU D 11 15.81 -9.50 -33.61
CA LEU D 11 14.64 -8.73 -34.00
C LEU D 11 14.26 -7.64 -32.97
N VAL D 12 13.30 -6.78 -33.39
CA VAL D 12 12.71 -5.73 -32.56
C VAL D 12 11.22 -6.02 -32.35
N ILE D 13 10.78 -5.83 -31.10
CA ILE D 13 9.46 -6.21 -30.65
C ILE D 13 8.73 -4.92 -30.39
N ILE D 14 7.47 -4.84 -30.82
CA ILE D 14 6.68 -3.64 -30.65
C ILE D 14 5.33 -3.97 -30.01
N SER D 15 5.21 -3.67 -28.73
CA SER D 15 3.91 -3.57 -28.07
C SER D 15 3.28 -2.22 -28.44
N THR D 16 2.13 -2.28 -29.09
CA THR D 16 1.46 -1.12 -29.64
C THR D 16 0.08 -1.03 -29.00
N LEU D 17 -0.63 0.08 -29.22
CA LEU D 17 -1.71 0.42 -28.31
C LEU D 17 -3.07 -0.23 -28.61
N ASP D 18 -3.15 -1.07 -29.63
CA ASP D 18 -4.37 -1.81 -29.98
C ASP D 18 -4.19 -3.28 -29.66
N GLY D 19 -3.45 -3.54 -28.55
CA GLY D 19 -3.17 -4.82 -27.96
C GLY D 19 -2.24 -5.71 -28.75
N ARG D 20 -1.71 -5.25 -29.88
CA ARG D 20 -0.96 -6.13 -30.75
C ARG D 20 0.54 -6.09 -30.44
N ILE D 21 1.25 -7.09 -30.97
CA ILE D 21 2.70 -7.17 -30.93
C ILE D 21 3.18 -7.29 -32.38
N ALA D 22 4.39 -6.82 -32.65
CA ALA D 22 4.94 -6.98 -33.97
C ALA D 22 6.44 -7.09 -33.83
N ALA D 23 7.00 -8.01 -34.58
CA ALA D 23 8.42 -8.28 -34.58
C ALA D 23 8.94 -7.92 -35.96
N LEU D 24 9.90 -7.00 -36.00
CA LEU D 24 10.63 -6.61 -37.20
C LEU D 24 12.08 -7.03 -36.96
N ASP D 25 12.83 -7.32 -38.04
CA ASP D 25 14.25 -7.48 -37.73
C ASP D 25 15.03 -6.28 -38.27
N PRO D 26 15.90 -5.68 -37.46
CA PRO D 26 16.52 -4.42 -37.85
C PRO D 26 17.63 -4.56 -38.88
N GLU D 27 18.25 -5.73 -39.02
CA GLU D 27 19.31 -5.95 -39.98
C GLU D 27 18.80 -6.33 -41.39
N ASN D 28 17.55 -5.98 -41.72
CA ASN D 28 16.93 -6.34 -42.99
C ASN D 28 15.93 -5.27 -43.43
N HIS D 29 16.32 -3.99 -43.30
CA HIS D 29 15.46 -2.86 -43.63
C HIS D 29 14.26 -2.72 -42.70
N GLY D 30 13.55 -3.83 -42.47
CA GLY D 30 12.45 -3.78 -41.53
C GLY D 30 11.57 -5.00 -41.58
N LYS D 31 11.92 -5.97 -42.45
CA LYS D 31 11.03 -7.10 -42.76
C LYS D 31 10.38 -7.58 -41.48
N LYS D 32 9.07 -7.86 -41.56
CA LYS D 32 8.31 -8.08 -40.34
C LYS D 32 8.73 -9.39 -39.69
N GLN D 33 7.94 -10.45 -39.91
CA GLN D 33 8.06 -11.82 -39.39
C GLN D 33 6.81 -12.16 -38.61
N TRP D 34 6.93 -12.38 -37.32
CA TRP D 34 5.71 -12.66 -36.58
C TRP D 34 5.16 -11.37 -36.00
N ASP D 35 3.87 -11.42 -35.65
CA ASP D 35 3.13 -10.24 -35.18
C ASP D 35 1.91 -10.73 -34.41
N LEU D 36 1.92 -10.58 -33.08
CA LEU D 36 0.97 -11.29 -32.24
C LEU D 36 -0.28 -10.49 -32.00
N ASP D 37 -1.42 -11.16 -32.16
CA ASP D 37 -2.74 -10.60 -31.96
C ASP D 37 -3.45 -11.46 -30.93
N VAL D 38 -3.08 -11.26 -29.66
CA VAL D 38 -3.73 -11.91 -28.53
C VAL D 38 -5.24 -11.70 -28.63
N GLY D 39 -6.02 -12.49 -27.90
CA GLY D 39 -7.43 -12.18 -27.93
C GLY D 39 -7.83 -11.00 -27.09
N SER D 40 -6.94 -10.47 -26.26
CA SER D 40 -7.37 -9.59 -25.19
C SER D 40 -7.79 -8.22 -25.67
N GLY D 41 -7.80 -7.93 -26.97
CA GLY D 41 -8.47 -6.71 -27.40
C GLY D 41 -7.60 -5.50 -27.67
N SER D 42 -7.64 -4.53 -26.74
CA SER D 42 -6.91 -3.28 -26.86
C SER D 42 -6.46 -2.86 -25.45
N LEU D 43 -5.58 -1.86 -25.41
CA LEU D 43 -4.96 -1.42 -24.15
C LEU D 43 -5.91 -0.41 -23.53
N VAL D 44 -5.57 0.89 -23.48
CA VAL D 44 -6.49 1.86 -22.90
C VAL D 44 -7.86 1.78 -23.58
N SER D 45 -8.90 1.69 -22.73
CA SER D 45 -10.31 1.91 -23.05
C SER D 45 -10.83 2.76 -21.90
N SER D 46 -11.68 3.74 -22.17
CA SER D 46 -12.19 4.46 -21.01
C SER D 46 -13.41 5.32 -21.28
N SER D 47 -14.56 4.84 -20.83
CA SER D 47 -15.74 5.67 -20.76
C SER D 47 -15.34 6.86 -19.90
N LEU D 48 -14.80 7.91 -20.53
CA LEU D 48 -14.28 9.11 -19.86
C LEU D 48 -15.33 9.88 -19.02
N LYS D 57 -12.84 18.58 -15.31
CA LYS D 57 -13.58 18.69 -16.57
C LYS D 57 -13.58 17.33 -17.26
N MET D 58 -12.66 16.46 -16.83
CA MET D 58 -12.40 15.21 -17.54
C MET D 58 -11.29 14.37 -16.91
N ILE D 59 -11.53 13.07 -16.74
CA ILE D 59 -10.68 12.18 -15.95
C ILE D 59 -9.87 11.27 -16.88
N ILE D 60 -8.54 11.32 -16.81
CA ILE D 60 -7.69 10.69 -17.80
C ILE D 60 -6.81 9.65 -17.11
N PRO D 61 -6.83 8.38 -17.53
CA PRO D 61 -5.90 7.41 -16.95
C PRO D 61 -4.58 7.48 -17.69
N SER D 62 -3.51 7.22 -16.96
CA SER D 62 -2.30 6.78 -17.61
C SER D 62 -2.45 5.29 -17.95
N LEU D 63 -1.69 4.81 -18.94
CA LEU D 63 -1.51 3.37 -19.08
C LEU D 63 -0.92 2.87 -17.77
N ASP D 64 -0.68 1.56 -17.61
CA ASP D 64 -0.26 1.11 -16.28
C ASP D 64 -1.34 1.22 -15.20
N GLY D 65 -1.77 2.43 -14.80
CA GLY D 65 -2.91 2.42 -13.91
C GLY D 65 -3.45 3.66 -13.23
N ALA D 66 -2.67 4.73 -13.09
CA ALA D 66 -3.10 5.96 -12.44
C ALA D 66 -4.30 6.59 -13.14
N LEU D 67 -4.89 7.58 -12.48
CA LEU D 67 -6.01 8.33 -13.01
C LEU D 67 -5.71 9.82 -12.80
N PHE D 68 -5.97 10.68 -13.79
CA PHE D 68 -5.62 12.10 -13.66
C PHE D 68 -6.77 12.99 -14.12
N GLN D 69 -7.15 13.93 -13.25
CA GLN D 69 -8.27 14.84 -13.47
C GLN D 69 -7.77 16.09 -14.16
N TRP D 70 -8.38 16.42 -15.28
CA TRP D 70 -8.01 17.63 -16.00
C TRP D 70 -9.12 18.64 -15.81
N ASP D 71 -8.74 19.87 -15.49
CA ASP D 71 -9.67 20.97 -15.55
C ASP D 71 -9.10 22.07 -16.44
N GLN D 72 -9.82 22.38 -17.50
CA GLN D 72 -9.49 23.43 -18.45
C GLN D 72 -9.67 24.83 -17.87
N ASP D 73 -10.35 24.96 -16.74
CA ASP D 73 -10.43 26.22 -16.01
C ASP D 73 -9.09 26.54 -15.37
N ARG D 74 -8.70 25.75 -14.36
CA ARG D 74 -7.42 25.94 -13.72
C ARG D 74 -6.25 25.50 -14.59
N GLU D 75 -6.54 24.96 -15.78
CA GLU D 75 -5.59 24.55 -16.80
C GLU D 75 -4.47 23.67 -16.25
N SER D 76 -4.64 23.15 -15.04
CA SER D 76 -3.72 22.18 -14.47
C SER D 76 -4.17 20.76 -14.80
N MET D 77 -3.21 19.85 -14.81
CA MET D 77 -3.50 18.42 -14.79
C MET D 77 -3.43 17.98 -13.33
N GLU D 78 -4.59 17.79 -12.74
CA GLU D 78 -4.71 17.46 -11.35
C GLU D 78 -4.50 15.96 -11.16
N THR D 79 -4.02 15.60 -9.99
CA THR D 79 -4.05 14.20 -9.59
C THR D 79 -5.37 13.85 -8.94
N VAL D 80 -5.80 12.61 -9.15
CA VAL D 80 -7.03 12.14 -8.52
C VAL D 80 -6.53 11.26 -7.37
N PRO D 81 -7.32 11.00 -6.30
CA PRO D 81 -6.89 10.06 -5.26
C PRO D 81 -7.24 8.63 -5.61
N PHE D 82 -7.24 8.24 -6.90
CA PHE D 82 -7.67 6.93 -7.34
C PHE D 82 -6.67 6.22 -8.25
N THR D 83 -6.72 4.87 -8.21
CA THR D 83 -6.14 4.03 -9.26
C THR D 83 -7.19 3.01 -9.69
N VAL D 84 -7.03 2.45 -10.90
CA VAL D 84 -7.96 1.43 -11.40
C VAL D 84 -7.99 0.21 -10.46
N GLU D 85 -6.82 -0.27 -10.06
CA GLU D 85 -6.80 -1.27 -8.99
C GLU D 85 -7.44 -0.71 -7.75
N SER D 86 -6.87 0.38 -7.24
CA SER D 86 -7.25 1.03 -5.99
C SER D 86 -8.76 1.15 -5.86
N LEU D 87 -9.44 1.26 -6.99
CA LEU D 87 -10.89 1.39 -6.93
C LEU D 87 -11.59 0.05 -6.78
N LEU D 88 -11.01 -1.04 -7.27
CA LEU D 88 -11.63 -2.36 -7.11
C LEU D 88 -11.82 -2.68 -5.64
N GLU D 89 -10.83 -2.38 -4.80
CA GLU D 89 -10.99 -2.38 -3.35
C GLU D 89 -11.63 -1.04 -2.94
N SER D 90 -12.87 -0.86 -3.41
CA SER D 90 -13.68 0.37 -3.30
C SER D 90 -13.21 1.44 -2.32
N ASP D 96 -23.02 3.30 -1.61
CA ASP D 96 -23.39 4.57 -2.22
C ASP D 96 -24.68 4.47 -3.05
N ASP D 97 -24.50 4.45 -4.37
CA ASP D 97 -25.53 4.18 -5.39
C ASP D 97 -24.97 3.32 -6.52
N VAL D 98 -23.68 3.55 -6.86
CA VAL D 98 -22.94 2.75 -7.83
C VAL D 98 -22.03 1.75 -7.11
N VAL D 99 -21.99 0.51 -7.62
CA VAL D 99 -21.10 -0.55 -7.14
C VAL D 99 -19.99 -0.64 -8.17
N LEU D 100 -18.80 -1.08 -7.75
CA LEU D 100 -17.64 -1.19 -8.63
C LEU D 100 -17.34 -2.64 -9.00
N VAL D 101 -16.92 -2.84 -10.24
CA VAL D 101 -16.61 -4.14 -10.84
C VAL D 101 -15.23 -4.03 -11.49
N GLY D 102 -14.61 -5.18 -11.72
CA GLY D 102 -13.38 -5.25 -12.47
C GLY D 102 -12.67 -6.56 -12.22
N GLY D 103 -11.41 -6.58 -12.60
CA GLY D 103 -10.53 -7.70 -12.37
C GLY D 103 -9.19 -7.42 -13.01
N LYS D 104 -8.17 -7.14 -12.17
CA LYS D 104 -6.79 -7.12 -12.64
C LYS D 104 -6.36 -8.50 -13.18
N SER D 105 -6.09 -8.59 -14.46
CA SER D 105 -5.66 -9.86 -14.99
C SER D 105 -4.18 -9.73 -15.34
N LEU D 106 -3.49 -10.87 -15.42
CA LEU D 106 -2.11 -10.88 -15.92
C LEU D 106 -1.71 -12.29 -16.29
N THR D 107 -1.53 -12.52 -17.57
CA THR D 107 -1.24 -13.80 -18.18
C THR D 107 0.08 -13.68 -18.95
N THR D 108 0.83 -14.77 -19.01
CA THR D 108 2.09 -14.82 -19.74
C THR D 108 1.90 -15.76 -20.92
N TYR D 109 2.51 -15.39 -22.04
CA TYR D 109 2.49 -16.14 -23.29
C TYR D 109 3.91 -16.51 -23.62
N GLY D 110 4.21 -17.79 -23.63
CA GLY D 110 5.47 -18.22 -24.13
C GLY D 110 5.40 -18.12 -25.63
N LEU D 111 6.48 -17.72 -26.24
CA LEU D 111 6.59 -17.63 -27.68
C LEU D 111 7.92 -18.20 -28.13
N SER D 112 8.10 -18.26 -29.45
CA SER D 112 9.23 -18.92 -30.06
C SER D 112 10.39 -18.00 -30.41
N ALA D 113 10.26 -16.70 -30.15
CA ALA D 113 11.16 -15.63 -30.61
C ALA D 113 11.17 -15.41 -32.11
N TYR D 114 11.09 -16.49 -32.89
CA TYR D 114 11.12 -16.45 -34.35
C TYR D 114 11.02 -17.87 -34.87
N SER D 115 10.20 -18.10 -35.89
CA SER D 115 9.16 -17.15 -36.27
C SER D 115 7.93 -17.56 -35.48
N GLY D 116 6.89 -16.73 -35.49
CA GLY D 116 5.72 -17.00 -34.68
C GLY D 116 6.20 -16.96 -33.24
N LYS D 117 5.70 -17.83 -32.37
CA LYS D 117 4.44 -18.60 -32.49
C LYS D 117 4.16 -19.09 -31.06
N VAL D 118 2.96 -18.81 -30.56
CA VAL D 118 2.64 -19.11 -29.17
C VAL D 118 2.88 -20.59 -28.95
N ARG D 119 3.80 -20.90 -28.04
CA ARG D 119 4.09 -22.26 -27.62
C ARG D 119 3.18 -22.66 -26.47
N TYR D 120 3.26 -21.92 -25.38
CA TYR D 120 2.34 -22.17 -24.29
C TYR D 120 1.52 -20.91 -24.06
N ILE D 121 0.46 -21.03 -23.29
CA ILE D 121 -0.28 -19.85 -22.95
C ILE D 121 -0.87 -19.92 -21.54
N CYS D 122 -0.56 -18.88 -20.80
CA CYS D 122 -1.57 -18.14 -20.08
C CYS D 122 -1.78 -18.35 -18.59
N SER D 123 -3.06 -18.49 -18.25
CA SER D 123 -3.72 -17.56 -17.35
C SER D 123 -4.04 -17.97 -15.94
N ALA D 124 -4.88 -17.11 -15.33
CA ALA D 124 -5.47 -17.42 -14.04
C ALA D 124 -6.36 -18.65 -14.13
N LEU D 125 -6.72 -19.06 -15.36
CA LEU D 125 -7.77 -20.03 -15.59
C LEU D 125 -7.28 -21.13 -16.52
N GLY D 126 -6.08 -21.62 -16.29
CA GLY D 126 -5.55 -22.75 -17.02
C GLY D 126 -4.25 -22.41 -17.75
N CYS D 127 -3.63 -23.48 -18.24
CA CYS D 127 -2.32 -23.43 -18.92
C CYS D 127 -2.33 -24.42 -20.06
N ARG D 128 -2.12 -23.94 -21.27
CA ARG D 128 -2.04 -24.77 -22.47
C ARG D 128 -0.62 -24.69 -23.02
N GLN D 129 -0.01 -25.85 -23.30
CA GLN D 129 1.20 -25.92 -24.10
C GLN D 129 0.86 -26.54 -25.44
N TRP D 130 1.22 -25.88 -26.53
CA TRP D 130 0.95 -26.38 -27.87
C TRP D 130 2.03 -27.34 -28.36
N ASP D 131 1.61 -28.41 -29.00
CA ASP D 131 2.55 -29.38 -29.51
C ASP D 131 3.38 -28.76 -30.63
N ILE D 141 11.25 -19.45 -25.76
CA ILE D 141 12.49 -18.71 -25.94
C ILE D 141 12.24 -17.20 -25.83
N LEU D 142 10.97 -16.77 -25.92
CA LEU D 142 10.64 -15.35 -25.78
C LEU D 142 9.28 -15.26 -25.11
N LEU D 143 9.23 -14.81 -23.86
CA LEU D 143 8.06 -14.95 -23.00
C LEU D 143 7.38 -13.60 -22.83
N LEU D 144 6.13 -13.52 -23.27
CA LEU D 144 5.38 -12.28 -23.38
C LEU D 144 4.25 -12.22 -22.36
N GLN D 145 4.34 -11.28 -21.42
CA GLN D 145 3.36 -11.10 -20.35
C GLN D 145 2.37 -9.96 -20.61
N ARG D 146 1.07 -10.26 -20.56
CA ARG D 146 0.00 -9.25 -20.69
C ARG D 146 -0.62 -8.96 -19.31
N THR D 147 -0.78 -7.69 -18.98
CA THR D 147 -1.51 -7.25 -17.79
C THR D 147 -2.65 -6.34 -18.20
N GLN D 148 -3.75 -6.41 -17.44
CA GLN D 148 -4.96 -5.71 -17.83
C GLN D 148 -5.78 -5.37 -16.58
N LYS D 149 -5.86 -4.09 -16.22
CA LYS D 149 -6.71 -3.68 -15.12
C LYS D 149 -8.01 -3.04 -15.62
N THR D 150 -9.13 -3.47 -15.06
CA THR D 150 -10.43 -2.91 -15.40
C THR D 150 -11.03 -2.26 -14.17
N VAL D 151 -11.97 -1.35 -14.40
CA VAL D 151 -12.95 -1.02 -13.38
C VAL D 151 -14.18 -0.57 -14.14
N ARG D 152 -15.33 -1.14 -13.82
CA ARG D 152 -16.57 -0.62 -14.33
C ARG D 152 -17.39 -0.03 -13.19
N ALA D 153 -18.35 0.81 -13.53
CA ALA D 153 -19.17 1.41 -12.50
C ALA D 153 -20.61 1.19 -12.88
N VAL D 154 -21.26 0.31 -12.15
CA VAL D 154 -22.63 -0.05 -12.39
C VAL D 154 -23.39 0.38 -11.15
N GLY D 155 -24.72 0.36 -11.24
CA GLY D 155 -25.54 0.69 -10.11
C GLY D 155 -26.96 0.22 -10.32
N PRO D 156 -27.55 -0.41 -9.29
CA PRO D 156 -28.89 -1.00 -9.19
C PRO D 156 -30.00 0.07 -9.40
N ARG D 157 -31.29 -0.31 -9.55
CA ARG D 157 -31.79 -1.69 -9.59
C ARG D 157 -31.23 -2.50 -10.77
N SER D 158 -31.46 -2.02 -12.00
CA SER D 158 -30.84 -2.62 -13.17
C SER D 158 -29.41 -2.09 -13.32
N GLY D 159 -28.48 -2.99 -13.60
CA GLY D 159 -27.08 -2.60 -13.59
C GLY D 159 -26.59 -1.84 -14.80
N ASN D 160 -26.81 -0.54 -14.88
CA ASN D 160 -26.37 0.20 -16.05
C ASN D 160 -24.93 0.63 -15.77
N GLU D 161 -24.03 0.11 -16.58
CA GLU D 161 -22.67 0.60 -16.58
C GLU D 161 -22.67 2.08 -16.97
N LYS D 162 -22.18 2.93 -16.07
CA LYS D 162 -22.09 4.37 -16.30
C LYS D 162 -20.76 4.82 -16.90
N TRP D 163 -19.68 4.06 -16.67
CA TRP D 163 -18.35 4.32 -17.24
C TRP D 163 -17.44 3.11 -17.02
N ASN D 164 -16.25 3.16 -17.68
CA ASN D 164 -15.20 2.16 -17.56
C ASN D 164 -13.82 2.83 -17.58
N PHE D 165 -12.80 1.99 -17.39
CA PHE D 165 -11.37 2.30 -17.51
C PHE D 165 -10.72 0.93 -17.59
N SER D 166 -10.05 0.62 -18.69
CA SER D 166 -9.18 -0.56 -18.76
C SER D 166 -7.82 -0.16 -19.25
N VAL D 167 -6.78 -0.54 -18.53
CA VAL D 167 -5.42 -0.22 -18.92
C VAL D 167 -4.71 -1.56 -19.03
N GLY D 168 -4.06 -1.80 -20.17
CA GLY D 168 -3.32 -3.01 -20.40
C GLY D 168 -1.85 -2.67 -20.41
N HIS D 169 -1.03 -3.69 -20.65
CA HIS D 169 0.38 -3.66 -20.28
C HIS D 169 1.10 -4.81 -20.97
N PHE D 170 2.43 -4.79 -20.92
CA PHE D 170 3.22 -5.82 -21.57
C PHE D 170 4.62 -5.75 -20.99
N GLU D 171 5.21 -6.92 -20.73
CA GLU D 171 6.61 -7.01 -20.36
C GLU D 171 7.26 -8.16 -21.10
N LEU D 172 8.58 -8.12 -21.30
CA LEU D 172 9.26 -9.10 -22.14
C LEU D 172 10.36 -9.89 -21.41
N ARG D 173 10.61 -11.13 -21.88
CA ARG D 173 11.76 -11.92 -21.44
C ARG D 173 11.89 -13.14 -22.34
N TYR D 174 12.96 -13.93 -22.10
CA TYR D 174 13.64 -14.70 -23.15
C TYR D 174 14.64 -15.70 -22.55
N ILE D 175 14.65 -16.92 -23.09
CA ILE D 175 15.56 -17.96 -22.60
C ILE D 175 16.30 -18.65 -23.75
N PRO D 176 17.64 -18.75 -23.70
CA PRO D 176 18.48 -19.49 -24.64
C PRO D 176 18.87 -20.93 -24.17
N ILE D 216 19.01 2.12 -33.60
CA ILE D 216 17.59 2.08 -34.00
C ILE D 216 16.73 2.93 -33.04
N LYS D 217 16.04 3.92 -33.61
CA LYS D 217 15.51 5.05 -32.87
C LYS D 217 14.00 5.16 -33.03
N VAL D 218 13.26 4.44 -32.19
CA VAL D 218 11.80 4.56 -32.21
C VAL D 218 11.40 5.99 -31.85
N SER D 219 10.29 6.44 -32.41
CA SER D 219 9.73 7.72 -31.95
C SER D 219 8.73 7.45 -30.85
N VAL D 220 7.54 8.04 -30.97
CA VAL D 220 6.46 7.99 -29.99
C VAL D 220 5.36 8.94 -30.44
N ALA D 221 5.76 10.08 -31.00
CA ALA D 221 4.80 11.02 -31.55
C ALA D 221 4.24 10.58 -32.88
N ASP D 222 5.06 9.91 -33.67
CA ASP D 222 4.71 9.59 -35.04
C ASP D 222 4.28 8.14 -35.22
N TRP D 223 4.23 7.38 -34.13
CA TRP D 223 3.97 5.95 -34.18
C TRP D 223 4.91 5.34 -35.21
N LYS D 224 6.20 5.62 -35.07
CA LYS D 224 7.19 5.40 -36.11
C LYS D 224 8.40 4.69 -35.49
N VAL D 225 9.09 3.88 -36.30
CA VAL D 225 10.41 3.37 -35.94
C VAL D 225 11.46 3.77 -37.00
N MET D 226 12.74 3.78 -36.62
CA MET D 226 13.87 3.43 -37.54
C MET D 226 14.73 2.35 -36.91
N TYR D 239 9.61 1.61 -41.16
CA TYR D 239 8.30 1.05 -40.78
C TYR D 239 7.51 2.07 -39.96
N GLN D 240 6.43 2.55 -40.57
CA GLN D 240 5.55 3.56 -40.00
C GLN D 240 4.23 2.86 -39.64
N PHE D 241 3.91 2.86 -38.34
CA PHE D 241 2.87 2.04 -37.72
C PHE D 241 1.50 2.66 -37.98
N CYS D 242 0.44 1.91 -37.65
CA CYS D 242 -0.91 2.48 -37.66
C CYS D 242 -1.64 2.04 -36.40
N THR D 243 -1.91 3.02 -35.47
CA THR D 243 -2.31 2.97 -34.06
C THR D 243 -1.09 3.24 -33.16
N PRO D 244 -1.21 4.12 -32.15
CA PRO D 244 -0.01 4.63 -31.47
C PRO D 244 0.73 3.54 -30.69
N ILE D 245 2.02 3.77 -30.46
CA ILE D 245 2.86 2.73 -29.86
C ILE D 245 2.83 2.89 -28.34
N ALA D 246 3.10 1.78 -27.65
CA ALA D 246 3.11 1.79 -26.20
C ALA D 246 4.46 1.35 -25.64
N SER D 247 4.94 0.14 -25.95
CA SER D 247 6.32 -0.23 -25.61
C SER D 247 7.06 -0.93 -26.76
N ALA D 248 8.40 -0.97 -26.68
CA ALA D 248 9.20 -1.69 -27.66
C ALA D 248 10.55 -2.05 -27.04
N TRP D 249 11.34 -2.85 -27.78
CA TRP D 249 12.46 -3.63 -27.20
C TRP D 249 13.42 -4.12 -28.28
N LEU D 250 14.64 -4.42 -27.84
CA LEU D 250 15.67 -5.06 -28.66
C LEU D 250 16.07 -6.44 -28.17
N LEU D 251 16.40 -7.29 -29.13
CA LEU D 251 17.12 -8.52 -28.84
C LEU D 251 18.54 -8.34 -29.40
N LYS D 252 19.54 -8.78 -28.62
CA LYS D 252 20.95 -8.81 -29.00
C LYS D 252 21.66 -9.66 -27.97
N ASP D 253 22.68 -10.41 -28.41
CA ASP D 253 23.43 -11.33 -27.56
C ASP D 253 22.56 -11.72 -26.38
N GLY D 254 21.35 -12.19 -26.66
CA GLY D 254 20.38 -12.50 -25.63
C GLY D 254 20.22 -11.42 -24.58
N LYS D 255 19.55 -10.30 -24.89
CA LYS D 255 19.21 -9.31 -23.86
C LYS D 255 18.11 -8.38 -24.39
N VAL D 256 16.87 -8.67 -24.01
CA VAL D 256 15.77 -7.73 -24.15
C VAL D 256 16.25 -6.43 -23.52
N ILE D 257 16.72 -5.51 -24.34
CA ILE D 257 17.08 -4.16 -23.91
C ILE D 257 15.98 -3.25 -24.43
N PRO D 258 15.41 -2.38 -23.60
CA PRO D 258 14.26 -1.59 -24.03
C PRO D 258 14.67 -0.41 -24.88
N ILE D 259 13.68 0.21 -25.46
CA ILE D 259 13.80 1.29 -26.42
C ILE D 259 13.09 2.46 -25.76
N SER D 260 13.41 3.68 -26.14
CA SER D 260 12.86 4.81 -25.39
C SER D 260 12.00 5.70 -26.27
N LEU D 261 10.92 6.18 -25.68
CA LEU D 261 9.96 7.02 -26.35
C LEU D 261 9.87 8.36 -25.63
N GLU D 277 25.18 25.62 -11.81
CA GLU D 277 24.64 26.90 -12.27
C GLU D 277 23.20 26.71 -12.73
N GLU D 278 22.41 27.80 -12.75
CA GLU D 278 21.02 27.71 -13.21
C GLU D 278 20.90 27.19 -14.64
N ASP D 279 22.03 27.00 -15.35
CA ASP D 279 22.03 26.33 -16.64
C ASP D 279 21.78 24.83 -16.51
N ILE D 280 22.25 24.20 -15.42
CA ILE D 280 22.07 22.75 -15.29
C ILE D 280 20.61 22.44 -15.01
N VAL D 281 19.91 23.33 -14.31
CA VAL D 281 18.51 23.10 -14.00
C VAL D 281 17.70 22.94 -15.28
N GLU D 282 17.85 23.88 -16.23
CA GLU D 282 17.04 23.82 -17.45
C GLU D 282 17.24 22.47 -18.12
N ALA D 283 18.47 21.94 -18.05
CA ALA D 283 18.79 20.67 -18.68
C ALA D 283 18.10 19.50 -17.98
N ALA D 284 17.90 19.59 -16.65
CA ALA D 284 17.04 18.68 -15.90
C ALA D 284 15.57 19.09 -16.02
N ARG D 285 15.30 20.38 -15.79
CA ARG D 285 14.01 20.95 -16.16
C ARG D 285 13.64 20.60 -17.58
N GLY D 286 14.61 20.24 -18.41
CA GLY D 286 14.29 19.78 -19.74
C GLY D 286 13.77 18.36 -19.79
N ALA D 287 14.29 17.49 -18.91
CA ALA D 287 13.94 16.05 -18.88
C ALA D 287 12.64 15.74 -18.12
N THR D 288 12.06 16.71 -17.44
CA THR D 288 10.86 16.41 -16.68
C THR D 288 9.63 16.48 -17.58
N GLU D 289 9.61 17.44 -18.52
CA GLU D 289 8.62 17.41 -19.60
C GLU D 289 9.05 16.48 -20.74
N ASN D 290 10.23 15.86 -20.64
CA ASN D 290 10.64 14.74 -21.49
C ASN D 290 10.10 13.40 -21.02
N SER D 291 9.44 13.35 -19.87
CA SER D 291 9.03 12.05 -19.35
C SER D 291 7.58 11.74 -19.70
N VAL D 292 6.69 12.70 -19.61
CA VAL D 292 5.26 12.44 -19.73
C VAL D 292 4.82 12.67 -21.16
N TYR D 293 3.95 11.78 -21.66
CA TYR D 293 3.32 11.93 -22.95
C TYR D 293 1.82 11.72 -22.78
N LEU D 294 1.07 12.72 -23.25
CA LEU D 294 -0.38 12.70 -23.34
C LEU D 294 -0.74 12.40 -24.79
N GLY D 295 -1.57 11.41 -25.00
CA GLY D 295 -1.85 11.08 -26.37
C GLY D 295 -3.30 11.18 -26.73
N MET D 296 -3.61 10.55 -27.88
CA MET D 296 -4.97 10.34 -28.32
C MET D 296 -5.01 9.03 -29.10
N TYR D 297 -5.94 8.16 -28.71
CA TYR D 297 -6.19 6.86 -29.35
C TYR D 297 -7.69 6.61 -29.39
N ARG D 298 -8.22 6.67 -30.62
CA ARG D 298 -9.60 6.32 -30.97
C ARG D 298 -10.61 6.85 -29.97
N GLY D 299 -10.66 8.17 -29.84
CA GLY D 299 -11.57 8.68 -28.84
C GLY D 299 -10.83 9.05 -27.57
N GLN D 300 -10.51 8.04 -26.75
CA GLN D 300 -9.91 8.30 -25.46
C GLN D 300 -8.55 9.02 -25.57
N LEU D 301 -8.42 10.09 -24.79
CA LEU D 301 -7.16 10.75 -24.54
C LEU D 301 -6.52 10.00 -23.38
N TYR D 302 -5.18 9.81 -23.42
CA TYR D 302 -4.49 8.94 -22.45
C TYR D 302 -3.07 9.43 -22.19
N LEU D 303 -2.44 8.94 -21.11
CA LEU D 303 -1.11 9.39 -20.73
C LEU D 303 -0.09 8.26 -20.61
N GLN D 304 1.19 8.63 -20.73
CA GLN D 304 2.34 7.74 -20.61
C GLN D 304 3.46 8.57 -20.02
N SER D 305 4.32 7.97 -19.21
CA SER D 305 5.44 8.76 -18.69
C SER D 305 6.61 7.84 -18.28
N SER D 306 7.41 8.32 -17.33
CA SER D 306 8.66 7.66 -16.97
C SER D 306 9.20 8.08 -15.59
#